data_4M4D
#
_entry.id   4M4D
#
_cell.length_a   77.282
_cell.length_b   59.906
_cell.length_c   119.932
_cell.angle_alpha   90.00
_cell.angle_beta   102.63
_cell.angle_gamma   90.00
#
_symmetry.space_group_name_H-M   'P 1 21 1'
#
loop_
_entity.id
_entity.type
_entity.pdbx_description
1 polymer 'Lipopolysaccharide-binding protein'
2 non-polymer 2-acetamido-2-deoxy-beta-D-glucopyranose
3 non-polymer 1,2-DIACYL-SN-GLYCERO-3-PHOSPHOCHOLINE
#
_entity_poly.entity_id   1
_entity_poly.type   'polypeptide(L)'
_entity_poly.pdbx_seq_one_letter_code
;ADLGVNPGVVARITDKGLAYAAKEGLVALQRELYKITLPDFSGDFKIKAVGRGQYEFHSLEIQNCELRGSSLKLLPGQGL
SLAISDSSIGVRGKWKVRKSFLKLHGSFDLDVKGVTISVDLLLGMDPSGRPTVSASGCSSRICDLDVHISGNVGWLLNLF
HNQIESKLQKVLENKVCEMIQKSVTSDLQPYLQTLPVTAEIDNVLGIDYSLVAAPQAKAQVLDVMFKGEIFNRNHRSPVA
TPTPTMSLPEDSKQMVYFAISDYAFNIASRVYHQAGYLNFSITDDMLPHDSGIRLNTKAFRPFTPQIYKKYPDMKLELLG
TVVSAPILNVSPGNLSLAPQMEIEGFVILPTSAREPVFRLGVVTNVFASLTFNNSKVTGMLHPDKAQVRLIESKVGMFNV
NLFQAFLNYYLLNSLYPDVNAELAQGFPLPLPRHIQLHDLDFQIRKDFLYLGANVQYMRVSGRLVPR
;
_entity_poly.pdbx_strand_id   A,B
#
# COMPACT_ATOMS: atom_id res chain seq x y z
N VAL A 5 -32.71 -10.77 9.20
CA VAL A 5 -34.12 -10.47 9.46
C VAL A 5 -34.38 -8.96 9.41
N ASN A 6 -35.52 -8.57 8.84
CA ASN A 6 -35.89 -7.16 8.71
C ASN A 6 -35.64 -6.35 9.97
N PRO A 7 -34.88 -5.26 9.84
CA PRO A 7 -34.54 -4.42 10.99
C PRO A 7 -35.67 -3.52 11.46
N GLY A 8 -35.74 -3.34 12.78
CA GLY A 8 -36.70 -2.45 13.40
C GLY A 8 -36.37 -1.00 13.09
N VAL A 9 -35.13 -0.62 13.35
CA VAL A 9 -34.64 0.71 12.99
C VAL A 9 -33.43 0.58 12.08
N VAL A 10 -33.22 1.62 11.28
CA VAL A 10 -32.10 1.66 10.36
C VAL A 10 -31.48 3.04 10.37
N ALA A 11 -30.15 3.09 10.56
CA ALA A 11 -29.41 4.35 10.53
C ALA A 11 -28.77 4.48 9.19
N ARG A 12 -29.25 5.46 8.42
CA ARG A 12 -28.71 5.69 7.11
C ARG A 12 -27.78 6.90 7.18
N ILE A 13 -26.47 6.65 6.98
CA ILE A 13 -25.48 7.73 7.02
C ILE A 13 -25.18 8.20 5.62
N THR A 14 -25.43 9.48 5.40
CA THR A 14 -25.25 10.05 4.07
C THR A 14 -23.84 10.50 3.84
N ASP A 15 -23.56 10.81 2.58
CA ASP A 15 -22.25 11.26 2.11
C ASP A 15 -21.77 12.41 2.96
N LYS A 16 -22.72 13.25 3.35
CA LYS A 16 -22.52 14.42 4.20
C LYS A 16 -22.08 14.01 5.59
N GLY A 17 -22.66 12.92 6.06
CA GLY A 17 -22.39 12.43 7.40
C GLY A 17 -21.09 11.69 7.45
N LEU A 18 -20.69 11.13 6.31
CA LEU A 18 -19.44 10.37 6.21
C LEU A 18 -18.33 11.39 6.20
N ALA A 19 -18.68 12.57 5.70
CA ALA A 19 -17.73 13.65 5.60
C ALA A 19 -17.45 14.15 6.99
N TYR A 20 -18.47 14.26 7.82
CA TYR A 20 -18.30 14.73 9.19
C TYR A 20 -17.41 13.73 9.89
N ALA A 21 -17.75 12.46 9.70
CA ALA A 21 -17.04 11.38 10.38
C ALA A 21 -15.54 11.47 10.18
N ALA A 22 -15.14 11.69 8.94
CA ALA A 22 -13.72 11.70 8.56
C ALA A 22 -12.99 12.84 9.25
N LYS A 23 -13.61 14.02 9.19
CA LYS A 23 -13.08 15.24 9.81
C LYS A 23 -12.81 15.02 11.29
N GLU A 24 -13.78 14.40 11.97
CA GLU A 24 -13.62 14.17 13.39
C GLU A 24 -12.63 13.05 13.71
N GLY A 25 -12.57 12.01 12.89
CA GLY A 25 -11.61 10.93 13.10
C GLY A 25 -10.22 11.46 12.82
N LEU A 26 -10.18 12.46 11.97
CA LEU A 26 -8.95 13.12 11.56
C LEU A 26 -8.21 13.82 12.69
N VAL A 27 -8.95 14.44 13.60
CA VAL A 27 -8.30 15.09 14.73
C VAL A 27 -7.86 14.04 15.74
N ALA A 28 -8.61 12.95 15.89
CA ALA A 28 -8.21 11.91 16.83
C ALA A 28 -6.93 11.26 16.33
N LEU A 29 -6.87 11.03 15.02
CA LEU A 29 -5.71 10.38 14.40
C LEU A 29 -4.48 11.27 14.52
N GLN A 30 -4.66 12.56 14.22
CA GLN A 30 -3.59 13.53 14.28
C GLN A 30 -2.87 13.50 15.64
N ARG A 31 -3.62 13.41 16.73
CA ARG A 31 -2.97 13.36 18.03
C ARG A 31 -2.16 12.06 18.14
N GLU A 32 -2.59 10.99 17.47
CA GLU A 32 -1.87 9.71 17.57
C GLU A 32 -0.53 9.63 16.81
N LEU A 33 -0.36 10.47 15.80
CA LEU A 33 0.86 10.45 15.03
C LEU A 33 2.02 10.95 15.92
N TYR A 34 1.71 11.80 16.89
CA TYR A 34 2.71 12.29 17.84
C TYR A 34 3.38 11.15 18.60
N LYS A 35 2.71 10.01 18.68
CA LYS A 35 3.30 8.88 19.37
C LYS A 35 4.25 8.13 18.45
N ILE A 36 4.34 8.55 17.18
CA ILE A 36 5.25 7.90 16.23
C ILE A 36 6.68 8.11 16.69
N THR A 37 7.49 7.06 16.68
CA THR A 37 8.89 7.24 16.99
C THR A 37 9.81 6.76 15.87
N LEU A 38 10.53 7.70 15.28
CA LEU A 38 11.47 7.35 14.22
C LEU A 38 12.75 6.80 14.82
N PRO A 39 13.41 5.91 14.06
CA PRO A 39 14.64 5.28 14.50
C PRO A 39 15.80 6.27 14.41
N ASP A 40 17.04 5.79 14.44
CA ASP A 40 18.17 6.69 14.37
C ASP A 40 19.03 6.33 13.17
N PHE A 41 19.48 7.34 12.47
CA PHE A 41 20.17 7.09 11.23
C PHE A 41 21.64 7.34 11.41
N SER A 42 22.40 6.28 11.18
CA SER A 42 23.82 6.32 11.39
C SER A 42 24.57 5.62 10.26
N GLY A 43 25.83 5.98 10.09
CA GLY A 43 26.65 5.39 9.06
C GLY A 43 27.87 6.23 8.78
N ASP A 44 28.61 5.84 7.76
CA ASP A 44 29.85 6.50 7.34
C ASP A 44 29.64 7.42 6.12
N PHE A 45 30.57 8.35 5.89
CA PHE A 45 30.48 9.19 4.70
C PHE A 45 31.88 9.40 4.13
N LYS A 46 31.94 9.86 2.89
CA LYS A 46 33.21 10.10 2.21
C LYS A 46 33.07 11.32 1.32
N ILE A 47 32.76 12.46 1.93
CA ILE A 47 32.55 13.70 1.18
C ILE A 47 33.87 14.16 0.60
N LYS A 48 33.89 14.41 -0.71
CA LYS A 48 35.13 14.79 -1.41
C LYS A 48 35.72 16.11 -0.91
N ALA A 49 34.92 16.88 -0.18
CA ALA A 49 35.37 18.19 0.28
C ALA A 49 35.99 18.14 1.67
N VAL A 50 35.59 17.19 2.50
CA VAL A 50 36.14 17.10 3.86
C VAL A 50 36.64 15.72 4.30
N GLY A 51 36.61 14.74 3.41
CA GLY A 51 37.11 13.40 3.71
C GLY A 51 36.07 12.38 4.09
N ARG A 52 36.51 11.36 4.84
CA ARG A 52 35.56 10.34 5.30
C ARG A 52 35.22 10.65 6.75
N GLY A 53 34.16 10.04 7.27
CA GLY A 53 33.82 10.20 8.66
C GLY A 53 32.56 9.43 9.00
N GLN A 54 32.15 9.59 10.24
CA GLN A 54 30.95 8.98 10.72
C GLN A 54 29.94 10.07 11.05
N TYR A 55 28.67 9.75 10.87
CA TYR A 55 27.59 10.67 11.18
C TYR A 55 26.45 9.94 11.87
N GLU A 56 25.57 10.71 12.52
CA GLU A 56 24.43 10.11 13.20
C GLU A 56 23.32 11.09 13.50
N PHE A 57 22.13 10.85 12.98
CA PHE A 57 21.00 11.69 13.31
C PHE A 57 20.19 10.84 14.24
N HIS A 58 20.13 11.25 15.50
CA HIS A 58 19.47 10.44 16.50
C HIS A 58 18.45 11.27 17.22
N SER A 59 17.67 10.60 18.07
CA SER A 59 16.62 11.21 18.87
C SER A 59 15.64 11.96 18.00
N LEU A 60 15.06 11.23 17.04
CA LEU A 60 14.04 11.82 16.18
C LEU A 60 12.72 11.75 16.89
N GLU A 61 11.99 12.86 16.84
CA GLU A 61 10.68 12.99 17.49
C GLU A 61 9.70 13.81 16.65
N ILE A 62 8.43 13.38 16.61
CA ILE A 62 7.40 14.13 15.91
C ILE A 62 7.10 15.33 16.75
N GLN A 63 7.19 16.51 16.15
CA GLN A 63 6.94 17.76 16.86
C GLN A 63 5.69 18.39 16.27
N ASN A 64 5.63 18.44 14.95
CA ASN A 64 4.44 18.99 14.34
C ASN A 64 3.82 18.01 13.42
N CYS A 65 2.49 17.99 13.50
CA CYS A 65 1.67 17.15 12.67
C CYS A 65 0.38 17.89 12.40
N GLU A 66 0.15 18.24 11.15
CA GLU A 66 -1.08 18.91 10.76
C GLU A 66 -1.82 18.09 9.73
N LEU A 67 -2.88 17.43 10.15
CA LEU A 67 -3.70 16.66 9.21
C LEU A 67 -4.95 17.45 8.92
N ARG A 68 -5.04 18.02 7.73
CA ARG A 68 -6.22 18.79 7.34
C ARG A 68 -6.61 18.17 6.03
N GLY A 69 -7.76 18.51 5.46
CA GLY A 69 -8.18 17.90 4.22
C GLY A 69 -8.29 16.38 4.30
N SER A 70 -9.42 15.83 3.90
CA SER A 70 -9.59 14.38 3.96
C SER A 70 -10.83 14.04 3.17
N SER A 71 -11.06 12.76 2.92
CA SER A 71 -12.23 12.40 2.19
C SER A 71 -12.58 10.95 2.48
N LEU A 72 -13.84 10.75 2.87
CA LEU A 72 -14.41 9.44 3.19
C LEU A 72 -15.42 9.00 2.17
N LYS A 73 -15.08 8.02 1.36
CA LYS A 73 -16.03 7.56 0.38
C LYS A 73 -16.63 6.20 0.71
N LEU A 74 -17.43 5.69 -0.21
CA LEU A 74 -17.96 4.36 -0.03
C LEU A 74 -17.32 3.39 -0.99
N LEU A 75 -16.98 2.25 -0.44
CA LEU A 75 -16.50 1.10 -1.15
C LEU A 75 -17.68 0.18 -1.19
N PRO A 76 -18.48 0.30 -2.24
CA PRO A 76 -19.69 -0.50 -2.31
C PRO A 76 -19.36 -1.97 -2.16
N GLY A 77 -19.95 -2.63 -1.17
CA GLY A 77 -19.73 -4.03 -0.96
C GLY A 77 -18.97 -4.35 0.31
N GLN A 78 -17.89 -3.61 0.60
CA GLN A 78 -17.07 -3.86 1.80
C GLN A 78 -17.13 -2.79 2.90
N GLY A 79 -16.93 -1.55 2.51
CA GLY A 79 -17.04 -0.51 3.51
C GLY A 79 -16.66 0.84 3.03
N LEU A 80 -15.76 1.46 3.78
CA LEU A 80 -15.32 2.80 3.45
C LEU A 80 -13.84 2.84 3.06
N SER A 81 -13.53 3.86 2.27
CA SER A 81 -12.21 4.17 1.80
C SER A 81 -11.83 5.58 2.24
N LEU A 82 -10.80 5.70 3.06
CA LEU A 82 -10.41 7.00 3.57
C LEU A 82 -9.25 7.60 2.78
N ALA A 83 -9.22 8.91 2.68
CA ALA A 83 -8.18 9.56 1.93
C ALA A 83 -7.85 10.86 2.58
N ILE A 84 -6.73 10.98 3.28
CA ILE A 84 -6.44 12.28 3.87
C ILE A 84 -5.33 12.89 3.06
N SER A 85 -5.38 14.20 2.84
CA SER A 85 -4.36 14.81 2.04
C SER A 85 -4.02 16.22 2.47
N ASP A 86 -3.14 16.83 1.70
CA ASP A 86 -2.70 18.20 1.92
C ASP A 86 -2.27 18.37 3.38
N SER A 87 -1.57 17.39 3.90
CA SER A 87 -1.18 17.44 5.31
C SER A 87 0.30 17.73 5.47
N SER A 88 0.74 17.88 6.71
CA SER A 88 2.12 18.12 6.92
C SER A 88 2.55 17.56 8.26
N ILE A 89 3.80 17.14 8.30
CA ILE A 89 4.40 16.57 9.49
C ILE A 89 5.76 17.20 9.67
N GLY A 90 6.04 17.58 10.90
CA GLY A 90 7.30 18.20 11.20
C GLY A 90 8.02 17.16 12.02
N VAL A 91 9.33 17.07 11.86
CA VAL A 91 10.14 16.13 12.60
C VAL A 91 11.31 16.89 13.22
N ARG A 92 11.70 16.53 14.44
CA ARG A 92 12.84 17.15 15.08
C ARG A 92 13.83 16.12 15.64
N GLY A 93 15.12 16.42 15.61
CA GLY A 93 16.12 15.52 16.17
C GLY A 93 17.47 16.16 16.43
N LYS A 94 18.45 15.32 16.73
CA LYS A 94 19.82 15.73 16.99
C LYS A 94 20.72 14.95 16.07
N TRP A 95 21.90 15.52 15.80
CA TRP A 95 22.92 14.86 15.01
C TRP A 95 24.31 15.03 15.64
N LYS A 96 25.20 14.07 15.36
CA LYS A 96 26.58 14.13 15.80
C LYS A 96 27.43 13.61 14.66
N VAL A 97 28.35 14.44 14.21
CA VAL A 97 29.25 14.10 13.13
C VAL A 97 30.68 14.01 13.61
N ARG A 98 31.25 12.84 13.44
CA ARG A 98 32.60 12.61 13.90
C ARG A 98 33.53 12.72 12.72
N LYS A 99 34.30 13.79 12.74
CA LYS A 99 35.30 14.07 11.74
C LYS A 99 36.52 14.41 12.58
N SER A 100 37.68 13.90 12.18
CA SER A 100 38.92 14.03 12.93
C SER A 100 38.78 13.32 14.29
N PHE A 101 39.56 13.74 15.30
CA PHE A 101 39.43 13.12 16.62
C PHE A 101 38.36 13.85 17.37
N LEU A 102 37.73 14.81 16.67
CA LEU A 102 36.67 15.63 17.23
C LEU A 102 35.33 14.94 17.02
N LYS A 103 34.31 15.50 17.66
CA LYS A 103 32.93 15.02 17.59
C LYS A 103 32.09 16.28 17.67
N LEU A 104 31.11 16.38 16.79
CA LEU A 104 30.29 17.58 16.66
C LEU A 104 28.92 17.38 17.26
N HIS A 105 28.09 18.41 17.15
CA HIS A 105 26.79 18.32 17.72
C HIS A 105 25.90 19.34 17.05
N GLY A 106 24.61 19.12 17.10
CA GLY A 106 23.69 20.06 16.52
C GLY A 106 22.30 19.48 16.51
N SER A 107 21.37 20.19 15.89
CA SER A 107 19.99 19.77 15.81
C SER A 107 19.51 19.84 14.37
N PHE A 108 18.38 19.21 14.07
CA PHE A 108 17.84 19.33 12.73
C PHE A 108 16.32 19.35 12.75
N ASP A 109 15.73 19.92 11.70
CA ASP A 109 14.30 19.96 11.58
C ASP A 109 13.91 19.75 10.14
N LEU A 110 12.91 18.92 9.94
CA LEU A 110 12.41 18.56 8.61
C LEU A 110 11.01 18.97 8.54
N ASP A 111 10.62 19.48 7.39
CA ASP A 111 9.24 19.82 7.23
C ASP A 111 8.71 19.08 6.01
N VAL A 112 7.76 18.20 6.31
CA VAL A 112 7.16 17.32 5.32
C VAL A 112 5.82 17.87 4.89
N LYS A 113 5.64 18.00 3.60
CA LYS A 113 4.42 18.55 3.04
C LYS A 113 3.88 17.66 1.96
N GLY A 114 2.81 18.07 1.28
CA GLY A 114 2.16 17.28 0.24
C GLY A 114 1.90 15.82 0.63
N VAL A 115 1.70 15.63 1.93
CA VAL A 115 1.49 14.31 2.52
C VAL A 115 0.12 13.81 2.15
N THR A 116 0.06 12.55 1.77
CA THR A 116 -1.17 11.92 1.35
C THR A 116 -1.26 10.56 2.01
N ILE A 117 -2.43 10.18 2.49
CA ILE A 117 -2.62 8.88 3.10
C ILE A 117 -3.86 8.25 2.54
N SER A 118 -3.84 6.95 2.27
CA SER A 118 -5.06 6.28 1.83
C SER A 118 -5.17 4.93 2.50
N VAL A 119 -6.34 4.69 3.11
CA VAL A 119 -6.56 3.45 3.83
C VAL A 119 -7.95 2.96 3.50
N ASP A 120 -8.17 1.65 3.54
CA ASP A 120 -9.53 1.15 3.40
C ASP A 120 -10.07 0.78 4.78
N LEU A 121 -11.29 1.22 5.07
CA LEU A 121 -11.88 0.89 6.35
C LEU A 121 -12.90 -0.22 6.09
N LEU A 122 -12.61 -1.42 6.60
CA LEU A 122 -13.49 -2.56 6.40
C LEU A 122 -14.49 -2.70 7.52
N LEU A 123 -15.76 -2.53 7.17
CA LEU A 123 -16.81 -2.57 8.16
C LEU A 123 -17.45 -3.95 8.14
N GLY A 124 -17.64 -4.53 9.32
CA GLY A 124 -18.27 -5.83 9.40
C GLY A 124 -18.97 -5.97 10.72
N MET A 125 -19.45 -7.18 11.03
CA MET A 125 -20.19 -7.40 12.27
C MET A 125 -19.71 -8.67 12.96
N ASP A 126 -19.68 -8.67 14.29
CA ASP A 126 -19.29 -9.87 15.02
C ASP A 126 -20.58 -10.60 15.38
N PRO A 127 -20.48 -11.88 15.78
CA PRO A 127 -21.68 -12.66 16.15
C PRO A 127 -22.58 -11.95 17.17
N SER A 128 -21.95 -11.39 18.21
CA SER A 128 -22.67 -10.72 19.28
C SER A 128 -23.50 -9.51 18.80
N GLY A 129 -23.38 -9.16 17.52
CA GLY A 129 -24.15 -8.03 17.01
C GLY A 129 -23.48 -6.68 17.10
N ARG A 130 -22.21 -6.69 17.52
CA ARG A 130 -21.38 -5.48 17.63
C ARG A 130 -20.64 -5.15 16.35
N PRO A 131 -20.38 -3.86 16.10
CA PRO A 131 -19.63 -3.45 14.92
C PRO A 131 -18.15 -3.77 15.01
N THR A 132 -17.54 -3.85 13.84
CA THR A 132 -16.11 -4.08 13.71
C THR A 132 -15.49 -3.31 12.55
N VAL A 133 -14.32 -2.74 12.76
CA VAL A 133 -13.65 -2.05 11.68
C VAL A 133 -12.26 -2.58 11.53
N SER A 134 -11.71 -2.47 10.34
CA SER A 134 -10.36 -2.96 10.10
C SER A 134 -9.78 -2.20 8.93
N ALA A 135 -8.58 -1.66 9.09
CA ALA A 135 -7.96 -0.92 8.02
C ALA A 135 -7.12 -1.88 7.18
N SER A 136 -7.29 -1.82 5.86
CA SER A 136 -6.57 -2.65 4.93
C SER A 136 -6.01 -1.81 3.77
N GLY A 137 -4.86 -2.20 3.24
CA GLY A 137 -4.23 -1.55 2.09
C GLY A 137 -3.79 -0.12 2.28
N CYS A 138 -3.38 0.22 3.51
CA CYS A 138 -2.91 1.56 3.81
C CYS A 138 -1.63 1.86 3.03
N SER A 139 -1.53 3.10 2.55
CA SER A 139 -0.39 3.59 1.79
C SER A 139 -0.37 5.11 1.93
N SER A 140 0.81 5.65 2.20
CA SER A 140 0.97 7.09 2.32
C SER A 140 2.15 7.51 1.50
N ARG A 141 2.11 8.73 1.00
CA ARG A 141 3.20 9.24 0.17
C ARG A 141 3.72 10.52 0.79
N ILE A 142 4.95 10.45 1.26
CA ILE A 142 5.67 11.51 1.92
C ILE A 142 6.64 12.09 0.89
N CYS A 143 6.47 13.36 0.50
CA CYS A 143 7.37 13.90 -0.52
C CYS A 143 8.03 15.23 -0.17
N ASP A 144 7.43 16.36 -0.53
CA ASP A 144 8.03 17.70 -0.30
C ASP A 144 8.79 17.81 1.02
N LEU A 145 10.10 17.57 0.98
CA LEU A 145 10.96 17.64 2.16
C LEU A 145 11.78 18.92 2.38
N ASP A 146 11.64 19.50 3.56
CA ASP A 146 12.37 20.68 3.95
C ASP A 146 13.38 20.38 5.03
N VAL A 147 14.67 20.30 4.69
CA VAL A 147 15.66 20.03 5.73
C VAL A 147 16.43 21.28 6.19
N HIS A 148 16.53 21.44 7.51
CA HIS A 148 17.27 22.55 8.12
C HIS A 148 18.17 21.96 9.19
N ILE A 149 19.47 22.23 9.07
CA ILE A 149 20.45 21.71 10.02
C ILE A 149 21.17 22.82 10.79
N SER A 150 21.32 22.62 12.09
CA SER A 150 22.00 23.59 12.94
C SER A 150 23.42 23.88 12.50
N GLY A 151 23.82 25.15 12.59
CA GLY A 151 25.21 25.50 12.33
C GLY A 151 25.69 25.91 10.95
N ASN A 152 24.78 25.93 9.97
CA ASN A 152 25.14 26.22 8.58
C ASN A 152 26.24 25.32 8.02
N VAL A 153 26.08 24.03 8.24
CA VAL A 153 27.00 23.10 7.66
C VAL A 153 26.43 22.70 6.29
N GLY A 154 27.15 22.99 5.22
CA GLY A 154 26.65 22.68 3.90
C GLY A 154 26.71 21.21 3.50
N TRP A 155 27.85 20.60 3.74
CA TRP A 155 28.03 19.20 3.40
C TRP A 155 27.05 18.35 4.17
N LEU A 156 26.60 18.82 5.34
CA LEU A 156 25.66 18.03 6.13
C LEU A 156 24.31 17.96 5.46
N LEU A 157 23.92 19.04 4.82
CA LEU A 157 22.66 19.07 4.10
C LEU A 157 22.72 18.17 2.87
N ASN A 158 23.80 18.28 2.13
CA ASN A 158 23.94 17.48 0.93
C ASN A 158 24.01 16.02 1.31
N LEU A 159 24.57 15.77 2.48
CA LEU A 159 24.75 14.42 2.97
C LEU A 159 23.40 13.83 3.35
N PHE A 160 22.52 14.69 3.87
CA PHE A 160 21.20 14.28 4.28
C PHE A 160 20.45 13.88 3.05
N HIS A 161 20.53 14.75 2.05
CA HIS A 161 19.81 14.53 0.81
C HIS A 161 20.27 13.30 0.04
N ASN A 162 21.54 12.95 0.18
CA ASN A 162 22.09 11.82 -0.54
C ASN A 162 21.94 10.50 0.18
N GLN A 163 21.81 10.54 1.50
CA GLN A 163 21.83 9.26 2.20
C GLN A 163 20.80 8.99 3.27
N ILE A 164 19.98 9.98 3.60
CA ILE A 164 18.99 9.79 4.65
C ILE A 164 17.57 10.07 4.22
N GLU A 165 17.38 11.08 3.37
CA GLU A 165 16.05 11.49 2.93
C GLU A 165 15.12 10.34 2.56
N SER A 166 15.50 9.59 1.54
CA SER A 166 14.72 8.47 1.04
C SER A 166 14.40 7.44 2.11
N LYS A 167 15.36 7.18 2.97
CA LYS A 167 15.21 6.20 4.03
C LYS A 167 14.22 6.78 5.00
N LEU A 168 14.41 8.05 5.38
CA LEU A 168 13.53 8.63 6.37
C LEU A 168 12.12 8.74 5.80
N GLN A 169 12.03 9.13 4.53
CA GLN A 169 10.74 9.20 3.88
C GLN A 169 10.01 7.87 4.01
N LYS A 170 10.63 6.77 3.57
CA LYS A 170 9.91 5.51 3.60
C LYS A 170 9.66 5.10 5.05
N VAL A 171 10.68 5.19 5.91
CA VAL A 171 10.47 4.81 7.31
C VAL A 171 9.28 5.53 7.89
N LEU A 172 9.15 6.81 7.55
CA LEU A 172 8.06 7.63 8.08
C LEU A 172 6.71 7.21 7.53
N GLU A 173 6.61 7.02 6.21
CA GLU A 173 5.32 6.65 5.68
C GLU A 173 4.95 5.29 6.27
N ASN A 174 5.96 4.46 6.48
CA ASN A 174 5.69 3.15 7.02
C ASN A 174 5.13 3.25 8.44
N LYS A 175 5.67 4.17 9.23
CA LYS A 175 5.22 4.27 10.61
C LYS A 175 3.81 4.91 10.71
N VAL A 176 3.55 5.86 9.84
CA VAL A 176 2.28 6.53 9.81
C VAL A 176 1.18 5.53 9.44
N CYS A 177 1.50 4.62 8.53
CA CYS A 177 0.52 3.63 8.12
C CYS A 177 0.31 2.62 9.23
N GLU A 178 1.35 2.32 9.99
CA GLU A 178 1.17 1.43 11.12
C GLU A 178 0.38 2.10 12.25
N MET A 179 0.43 3.42 12.35
CA MET A 179 -0.27 4.08 13.45
C MET A 179 -1.74 4.00 13.15
N ILE A 180 -2.04 4.21 11.88
CA ILE A 180 -3.41 4.11 11.38
C ILE A 180 -4.01 2.72 11.57
N GLN A 181 -3.24 1.68 11.23
CA GLN A 181 -3.69 0.31 11.40
C GLN A 181 -4.02 0.09 12.88
N LYS A 182 -3.05 0.42 13.73
CA LYS A 182 -3.25 0.29 15.18
C LYS A 182 -4.38 1.13 15.69
N SER A 183 -4.40 2.41 15.33
CA SER A 183 -5.39 3.33 15.87
C SER A 183 -6.86 2.96 15.63
N VAL A 184 -7.15 2.29 14.52
CA VAL A 184 -8.50 1.88 14.18
C VAL A 184 -8.97 0.71 15.05
N THR A 185 -8.08 -0.24 15.28
CA THR A 185 -8.35 -1.44 16.07
C THR A 185 -8.32 -1.18 17.58
N SER A 186 -7.68 -0.09 18.00
CA SER A 186 -7.57 0.19 19.44
C SER A 186 -8.34 1.39 19.92
N ASP A 187 -8.94 2.11 18.98
CA ASP A 187 -9.65 3.31 19.32
C ASP A 187 -10.95 3.35 18.57
N LEU A 188 -10.88 3.25 17.24
CA LEU A 188 -12.08 3.29 16.42
C LEU A 188 -13.03 2.13 16.67
N GLN A 189 -12.57 0.89 16.55
CA GLN A 189 -13.46 -0.23 16.78
C GLN A 189 -14.03 -0.18 18.20
N PRO A 190 -13.20 0.17 19.21
CA PRO A 190 -13.86 0.25 20.52
C PRO A 190 -14.85 1.41 20.61
N TYR A 191 -14.79 2.35 19.68
CA TYR A 191 -15.72 3.47 19.73
C TYR A 191 -17.07 3.13 19.08
N LEU A 192 -17.04 2.51 17.92
CA LEU A 192 -18.28 2.14 17.23
C LEU A 192 -19.04 1.21 18.12
N GLN A 193 -18.28 0.50 18.94
CA GLN A 193 -18.93 -0.46 19.82
C GLN A 193 -19.53 0.22 21.06
N THR A 194 -19.36 1.54 21.19
CA THR A 194 -20.01 2.28 22.27
C THR A 194 -21.49 2.49 21.92
N LEU A 195 -21.91 1.94 20.78
CA LEU A 195 -23.28 2.02 20.30
C LEU A 195 -24.11 1.01 21.10
N PRO A 196 -25.21 1.44 21.71
CA PRO A 196 -26.01 0.54 22.54
C PRO A 196 -26.39 -0.78 21.88
N VAL A 197 -26.23 -1.88 22.59
CA VAL A 197 -26.70 -3.18 22.11
C VAL A 197 -28.17 -3.27 22.46
N THR A 198 -28.49 -2.59 23.54
CA THR A 198 -29.83 -2.55 24.07
C THR A 198 -29.99 -1.26 24.89
N ALA A 199 -31.08 -0.55 24.64
CA ALA A 199 -31.40 0.70 25.33
C ALA A 199 -32.76 0.58 25.99
N GLU A 200 -32.84 1.04 27.24
CA GLU A 200 -34.13 1.06 27.93
C GLU A 200 -34.98 2.18 27.32
N ILE A 201 -36.27 1.92 27.10
CA ILE A 201 -37.16 2.96 26.58
C ILE A 201 -37.87 3.59 27.78
N ASP A 202 -38.60 2.71 28.46
CA ASP A 202 -39.37 2.97 29.66
C ASP A 202 -39.00 1.97 30.74
N ASN A 203 -39.41 2.20 31.97
CA ASN A 203 -39.08 1.25 33.03
C ASN A 203 -39.81 -0.10 32.84
N VAL A 204 -40.66 -0.17 31.81
CA VAL A 204 -41.45 -1.35 31.46
C VAL A 204 -40.85 -2.11 30.28
N LEU A 205 -40.77 -1.43 29.13
CA LEU A 205 -40.25 -2.03 27.90
C LEU A 205 -38.77 -1.70 27.65
N GLY A 206 -38.23 -2.20 26.54
CA GLY A 206 -36.86 -1.92 26.16
C GLY A 206 -36.71 -2.20 24.68
N ILE A 207 -35.61 -1.77 24.06
CA ILE A 207 -35.40 -2.07 22.64
C ILE A 207 -34.06 -2.74 22.45
N ASP A 208 -33.96 -3.67 21.51
CA ASP A 208 -32.67 -4.32 21.24
C ASP A 208 -32.01 -3.80 19.97
N TYR A 209 -30.86 -3.18 20.14
CA TYR A 209 -30.17 -2.53 19.03
C TYR A 209 -28.97 -3.33 18.51
N SER A 210 -29.17 -4.62 18.39
CA SER A 210 -28.18 -5.53 17.91
C SER A 210 -28.28 -5.45 16.41
N LEU A 211 -27.15 -5.65 15.75
CA LEU A 211 -27.06 -5.61 14.29
C LEU A 211 -27.67 -6.86 13.65
N VAL A 212 -28.42 -6.65 12.59
CA VAL A 212 -29.00 -7.75 11.82
C VAL A 212 -28.14 -7.96 10.61
N ALA A 213 -27.14 -7.11 10.46
CA ALA A 213 -26.20 -7.16 9.35
C ALA A 213 -25.03 -6.23 9.64
N ALA A 214 -23.93 -6.47 8.95
CA ALA A 214 -22.82 -5.54 9.00
C ALA A 214 -23.31 -4.35 8.19
N PRO A 215 -22.92 -3.14 8.58
CA PRO A 215 -23.30 -1.92 7.86
C PRO A 215 -23.24 -2.15 6.37
N GLN A 216 -24.29 -1.77 5.68
CA GLN A 216 -24.37 -2.01 4.26
C GLN A 216 -23.91 -0.83 3.47
N ALA A 217 -22.68 -0.87 3.01
CA ALA A 217 -22.16 0.23 2.24
C ALA A 217 -22.76 0.18 0.83
N LYS A 218 -23.79 0.99 0.62
CA LYS A 218 -24.43 1.11 -0.67
C LYS A 218 -23.65 2.07 -1.50
N ALA A 219 -24.03 2.26 -2.75
CA ALA A 219 -23.27 3.16 -3.61
C ALA A 219 -23.20 4.62 -3.13
N GLN A 220 -24.32 5.15 -2.67
CA GLN A 220 -24.35 6.56 -2.29
C GLN A 220 -24.51 6.77 -0.79
N VAL A 221 -24.80 5.70 -0.08
CA VAL A 221 -25.09 5.80 1.33
C VAL A 221 -24.61 4.63 2.15
N LEU A 222 -24.59 4.80 3.48
CA LEU A 222 -24.20 3.72 4.39
C LEU A 222 -25.41 3.43 5.29
N ASP A 223 -25.86 2.17 5.26
CA ASP A 223 -27.04 1.75 6.02
C ASP A 223 -26.66 0.87 7.18
N VAL A 224 -26.81 1.32 8.41
CA VAL A 224 -26.53 0.35 9.46
C VAL A 224 -27.90 -0.07 10.02
N MET A 225 -28.17 -1.35 9.84
CA MET A 225 -29.43 -1.98 10.21
C MET A 225 -29.39 -2.65 11.55
N PHE A 226 -30.30 -2.27 12.42
CA PHE A 226 -30.36 -2.81 13.79
C PHE A 226 -31.58 -3.67 13.95
N LYS A 227 -31.52 -4.61 14.89
CA LYS A 227 -32.66 -5.45 15.16
C LYS A 227 -33.86 -4.57 15.45
N GLY A 228 -33.68 -3.68 16.42
CA GLY A 228 -34.72 -2.76 16.85
C GLY A 228 -36.00 -3.54 17.06
N GLU A 229 -36.20 -4.00 18.28
CA GLU A 229 -37.40 -4.72 18.61
C GLU A 229 -37.67 -4.41 20.05
N ILE A 230 -38.95 -4.32 20.40
CA ILE A 230 -39.34 -4.04 21.78
C ILE A 230 -39.34 -5.35 22.55
N PHE A 231 -38.92 -5.30 23.82
CA PHE A 231 -38.88 -6.51 24.63
C PHE A 231 -39.12 -6.24 26.13
N ASN A 232 -40.01 -7.03 26.72
CA ASN A 232 -40.35 -6.94 28.14
C ASN A 232 -39.12 -7.06 29.04
N ARG A 233 -39.03 -6.19 30.04
CA ARG A 233 -37.89 -6.16 30.95
C ARG A 233 -37.79 -7.36 31.88
N ASN A 234 -38.91 -7.84 32.41
CA ASN A 234 -38.84 -8.93 33.38
C ASN A 234 -38.40 -10.24 32.70
N HIS A 235 -39.01 -10.55 31.57
CA HIS A 235 -38.60 -11.68 30.74
C HIS A 235 -39.20 -11.48 29.34
N ARG A 236 -38.37 -11.00 28.41
CA ARG A 236 -38.80 -10.67 27.05
C ARG A 236 -39.56 -11.76 26.28
N SER A 237 -40.89 -11.76 26.41
CA SER A 237 -41.72 -12.69 25.65
C SER A 237 -41.83 -12.18 24.20
N PRO A 238 -41.20 -12.88 23.23
CA PRO A 238 -41.22 -12.39 21.84
C PRO A 238 -42.60 -12.38 21.19
N VAL A 239 -43.45 -11.47 21.66
CA VAL A 239 -44.80 -11.29 21.13
C VAL A 239 -44.77 -10.18 20.06
N ALA A 240 -43.58 -9.70 19.70
CA ALA A 240 -43.46 -8.64 18.71
C ALA A 240 -42.31 -8.86 17.73
N THR A 241 -42.64 -9.53 16.63
CA THR A 241 -41.70 -9.86 15.55
C THR A 241 -42.27 -9.86 14.10
N PRO A 242 -43.21 -8.97 13.75
CA PRO A 242 -43.64 -9.03 12.34
C PRO A 242 -42.87 -8.11 11.39
N THR A 243 -42.25 -7.04 11.92
CA THR A 243 -41.62 -5.95 11.15
C THR A 243 -41.16 -6.22 9.72
N PRO A 244 -41.81 -5.54 8.76
CA PRO A 244 -41.59 -5.59 7.32
C PRO A 244 -40.29 -4.95 6.88
N THR A 245 -39.98 -5.11 5.60
CA THR A 245 -38.86 -4.46 4.97
C THR A 245 -39.26 -3.04 4.56
N MET A 246 -38.50 -2.04 4.99
CA MET A 246 -38.77 -0.64 4.65
C MET A 246 -37.86 -0.26 3.52
N SER A 247 -38.14 0.88 2.87
CA SER A 247 -37.24 1.37 1.82
C SER A 247 -37.51 2.82 1.39
N LEU A 248 -37.02 3.79 2.16
CA LEU A 248 -37.22 5.20 1.84
C LEU A 248 -36.28 5.62 0.75
N PRO A 249 -36.73 6.54 -0.13
CA PRO A 249 -35.86 6.98 -1.22
C PRO A 249 -34.68 7.85 -0.75
N GLU A 250 -34.04 8.51 -1.70
CA GLU A 250 -32.79 9.22 -1.48
C GLU A 250 -32.92 10.62 -0.88
N ASP A 251 -32.63 10.69 0.40
CA ASP A 251 -32.63 11.94 1.14
C ASP A 251 -31.24 12.26 1.66
N SER A 252 -30.57 13.18 0.98
CA SER A 252 -29.19 13.52 1.27
C SER A 252 -28.99 14.92 1.84
N LYS A 253 -30.07 15.52 2.31
CA LYS A 253 -29.96 16.84 2.89
C LYS A 253 -29.14 16.79 4.18
N GLN A 254 -29.45 15.86 5.07
CA GLN A 254 -28.74 15.81 6.36
C GLN A 254 -27.73 14.67 6.57
N MET A 255 -27.11 14.65 7.76
CA MET A 255 -26.02 13.71 8.02
C MET A 255 -26.54 12.31 8.20
N VAL A 256 -27.59 12.14 9.01
CA VAL A 256 -28.20 10.83 9.19
C VAL A 256 -29.68 10.89 9.20
N TYR A 257 -30.26 9.77 8.78
CA TYR A 257 -31.69 9.60 8.78
C TYR A 257 -31.95 8.32 9.47
N PHE A 258 -32.89 8.36 10.39
CA PHE A 258 -33.25 7.14 11.07
C PHE A 258 -34.58 6.76 10.50
N ALA A 259 -34.79 5.47 10.41
CA ALA A 259 -36.03 4.90 9.99
C ALA A 259 -36.45 4.09 11.18
N ILE A 260 -37.57 4.45 11.78
CA ILE A 260 -38.02 3.79 12.98
C ILE A 260 -39.33 3.15 12.60
N SER A 261 -39.34 1.82 12.57
CA SER A 261 -40.48 1.03 12.12
C SER A 261 -41.69 1.20 13.04
N ASP A 262 -41.61 0.70 14.26
CA ASP A 262 -42.75 0.82 15.14
C ASP A 262 -42.39 1.12 16.59
N TYR A 263 -43.35 1.73 17.26
CA TYR A 263 -43.30 2.00 18.69
C TYR A 263 -44.27 1.12 19.40
N ALA A 264 -45.13 1.79 20.16
CA ALA A 264 -46.13 1.14 20.96
C ALA A 264 -47.20 2.14 21.32
N PHE A 265 -46.77 3.25 21.91
CA PHE A 265 -47.68 4.28 22.39
C PHE A 265 -48.11 5.16 21.24
N ASN A 266 -49.37 5.01 20.85
CA ASN A 266 -50.00 5.76 19.77
C ASN A 266 -49.15 5.87 18.49
N ILE A 267 -48.36 4.82 18.23
CA ILE A 267 -47.69 4.67 16.94
C ILE A 267 -48.77 4.37 15.89
N ALA A 268 -49.81 3.65 16.29
CA ALA A 268 -50.94 3.35 15.40
C ALA A 268 -51.84 4.57 15.20
N SER A 269 -51.53 5.34 14.15
CA SER A 269 -52.25 6.55 13.76
C SER A 269 -51.61 7.13 12.50
N TYR A 277 -59.76 0.13 12.78
CA TYR A 277 -59.07 1.39 12.50
C TYR A 277 -59.03 2.24 13.74
N LEU A 278 -58.21 1.83 14.71
CA LEU A 278 -58.12 2.50 16.00
C LEU A 278 -59.52 2.74 16.59
N ASN A 279 -60.13 1.66 17.03
CA ASN A 279 -61.40 1.71 17.71
C ASN A 279 -61.08 1.79 19.19
N PHE A 280 -62.10 2.10 19.99
CA PHE A 280 -61.93 2.19 21.43
C PHE A 280 -63.26 2.26 22.08
N SER A 281 -63.30 2.04 23.39
CA SER A 281 -64.54 2.07 24.15
C SER A 281 -64.33 2.85 25.43
N ILE A 282 -65.34 3.61 25.81
CA ILE A 282 -65.29 4.37 27.05
C ILE A 282 -66.46 3.95 27.94
N THR A 283 -66.15 3.36 29.07
CA THR A 283 -67.18 2.92 29.99
C THR A 283 -67.28 3.88 31.16
N ASP A 284 -68.43 3.90 31.83
CA ASP A 284 -68.64 4.81 32.95
C ASP A 284 -67.53 4.65 34.00
N ASP A 285 -66.95 3.46 34.07
CA ASP A 285 -65.92 3.19 35.04
C ASP A 285 -64.52 3.22 34.42
N MET A 286 -64.25 4.27 33.65
CA MET A 286 -62.96 4.46 33.03
C MET A 286 -62.56 5.92 33.21
N LEU A 287 -63.38 6.66 33.93
CA LEU A 287 -63.14 8.07 34.18
C LEU A 287 -62.89 8.25 35.67
N PRO A 288 -61.79 8.92 36.05
CA PRO A 288 -61.51 9.06 37.49
C PRO A 288 -62.72 9.51 38.32
N HIS A 289 -62.75 9.06 39.57
CA HIS A 289 -63.80 9.38 40.52
C HIS A 289 -63.86 10.84 40.90
N ASP A 290 -62.68 11.44 41.02
CA ASP A 290 -62.59 12.83 41.43
C ASP A 290 -62.96 13.68 40.25
N SER A 291 -62.64 13.18 39.07
CA SER A 291 -62.93 13.92 37.85
C SER A 291 -64.45 13.84 37.75
N GLY A 292 -65.08 15.00 37.84
CA GLY A 292 -66.53 15.11 37.88
C GLY A 292 -67.36 14.67 36.69
N ILE A 293 -66.74 14.01 35.71
CA ILE A 293 -67.47 13.54 34.52
C ILE A 293 -67.87 12.06 34.65
N ARG A 294 -69.13 11.74 34.35
CA ARG A 294 -69.60 10.36 34.35
C ARG A 294 -70.51 10.00 33.16
N LEU A 295 -70.45 8.74 32.73
CA LEU A 295 -71.28 8.24 31.62
C LEU A 295 -72.57 7.57 32.09
N ASN A 296 -73.49 8.41 32.51
CA ASN A 296 -74.79 7.95 32.96
C ASN A 296 -75.85 8.97 32.57
N THR A 297 -77.00 8.47 32.14
CA THR A 297 -78.10 9.26 31.64
C THR A 297 -78.37 10.55 32.41
N LYS A 298 -78.35 10.49 33.73
CA LYS A 298 -78.65 11.65 34.57
C LYS A 298 -77.61 12.74 34.31
N ALA A 299 -76.37 12.33 34.09
CA ALA A 299 -75.28 13.25 33.79
C ALA A 299 -75.32 13.81 32.37
N PHE A 300 -75.87 13.03 31.45
CA PHE A 300 -75.97 13.50 30.08
C PHE A 300 -77.25 14.24 29.86
N ARG A 301 -78.00 14.45 30.94
CA ARG A 301 -79.29 15.13 30.85
C ARG A 301 -79.14 16.54 30.24
N PRO A 302 -78.15 17.33 30.68
CA PRO A 302 -78.00 18.65 30.05
C PRO A 302 -77.71 18.60 28.56
N PHE A 303 -76.99 17.59 28.13
CA PHE A 303 -76.64 17.46 26.73
C PHE A 303 -77.91 17.15 25.94
N THR A 304 -78.58 16.10 26.38
CA THR A 304 -79.80 15.59 25.76
C THR A 304 -80.85 15.56 26.83
N PRO A 305 -81.69 16.60 26.90
CA PRO A 305 -82.71 16.62 27.96
C PRO A 305 -83.73 15.48 27.84
N GLN A 306 -83.58 14.60 26.85
CA GLN A 306 -84.60 13.58 26.61
C GLN A 306 -84.15 12.18 27.02
N ILE A 307 -82.84 11.99 27.12
CA ILE A 307 -82.28 10.69 27.49
C ILE A 307 -82.77 10.25 28.86
N TYR A 308 -82.94 11.19 29.78
CA TYR A 308 -83.34 10.85 31.16
C TYR A 308 -84.79 10.37 31.24
N LYS A 309 -85.57 10.60 30.19
CA LYS A 309 -86.94 10.12 30.14
C LYS A 309 -86.99 8.71 29.56
N LYS A 310 -86.40 8.53 28.37
CA LYS A 310 -86.43 7.22 27.71
C LYS A 310 -85.67 6.17 28.51
N TYR A 311 -84.59 6.56 29.17
CA TYR A 311 -83.79 5.60 29.93
C TYR A 311 -83.33 6.15 31.28
N PRO A 312 -84.26 6.43 32.20
CA PRO A 312 -83.86 7.03 33.48
C PRO A 312 -82.86 6.21 34.31
N ASP A 313 -81.83 6.90 34.79
CA ASP A 313 -80.80 6.31 35.64
C ASP A 313 -80.21 5.01 35.08
N MET A 314 -79.26 5.15 34.15
CA MET A 314 -78.63 4.00 33.48
C MET A 314 -77.17 4.27 33.11
N LYS A 315 -76.43 3.20 32.81
CA LYS A 315 -75.04 3.35 32.41
C LYS A 315 -74.97 3.68 30.93
N LEU A 316 -73.86 4.29 30.54
CA LEU A 316 -73.61 4.73 29.18
C LEU A 316 -72.37 4.11 28.60
N GLU A 317 -72.43 4.04 27.28
CA GLU A 317 -71.35 3.52 26.48
C GLU A 317 -70.94 4.49 25.42
N LEU A 318 -69.64 4.57 25.22
CA LEU A 318 -69.16 5.35 24.11
C LEU A 318 -68.28 4.42 23.29
N LEU A 319 -68.62 4.27 22.02
CA LEU A 319 -67.85 3.45 21.14
C LEU A 319 -67.40 4.34 20.01
N GLY A 320 -66.18 4.84 20.15
CA GLY A 320 -65.61 5.74 19.16
C GLY A 320 -64.55 5.06 18.32
N THR A 321 -64.10 5.77 17.29
CA THR A 321 -63.17 5.20 16.34
C THR A 321 -62.58 6.29 15.48
N VAL A 322 -61.31 6.11 15.14
CA VAL A 322 -60.59 7.10 14.35
C VAL A 322 -60.82 6.74 12.90
N VAL A 323 -61.22 7.70 12.07
CA VAL A 323 -61.39 7.38 10.66
C VAL A 323 -60.35 8.08 9.73
N SER A 324 -59.58 9.02 10.28
CA SER A 324 -58.49 9.65 9.52
C SER A 324 -57.60 10.42 10.48
N ALA A 325 -56.34 10.60 10.11
CA ALA A 325 -55.39 11.28 10.96
C ALA A 325 -54.43 12.08 10.10
N PRO A 326 -54.97 13.13 9.46
CA PRO A 326 -54.23 14.03 8.59
C PRO A 326 -53.04 14.62 9.30
N ILE A 327 -51.85 14.42 8.72
CA ILE A 327 -50.60 14.93 9.28
C ILE A 327 -49.93 15.86 8.31
N LEU A 328 -49.63 17.08 8.74
CA LEU A 328 -48.91 18.01 7.88
C LEU A 328 -47.84 18.72 8.71
N ASN A 329 -46.65 18.89 8.12
CA ASN A 329 -45.55 19.58 8.81
C ASN A 329 -45.73 21.08 8.87
N VAL A 330 -45.43 21.64 10.05
CA VAL A 330 -45.39 23.07 10.28
C VAL A 330 -43.91 23.48 10.22
N SER A 331 -43.18 23.22 11.31
CA SER A 331 -41.73 23.40 11.32
C SER A 331 -41.23 22.02 10.88
N PRO A 332 -39.92 21.86 10.62
CA PRO A 332 -39.49 20.50 10.27
C PRO A 332 -39.75 19.50 11.40
N GLY A 333 -39.69 19.98 12.63
CA GLY A 333 -39.84 19.10 13.76
C GLY A 333 -41.13 19.38 14.50
N ASN A 334 -42.14 19.86 13.77
CA ASN A 334 -43.41 20.16 14.38
C ASN A 334 -44.53 19.70 13.49
N LEU A 335 -45.35 18.79 14.00
CA LEU A 335 -46.46 18.22 13.23
C LEU A 335 -47.81 18.86 13.55
N SER A 336 -48.74 18.74 12.62
CA SER A 336 -50.10 19.25 12.84
C SER A 336 -51.11 18.22 12.42
N LEU A 337 -51.38 17.31 13.35
CA LEU A 337 -52.36 16.26 13.12
C LEU A 337 -53.66 16.55 13.86
N ALA A 338 -54.75 16.14 13.24
CA ALA A 338 -56.08 16.34 13.78
C ALA A 338 -56.87 15.06 13.57
N PRO A 339 -56.80 14.13 14.51
CA PRO A 339 -57.53 12.87 14.32
C PRO A 339 -59.03 13.12 14.32
N GLN A 340 -59.63 12.63 13.25
CA GLN A 340 -61.03 12.80 13.01
C GLN A 340 -61.70 11.50 13.41
N MET A 341 -62.68 11.59 14.31
CA MET A 341 -63.37 10.41 14.77
C MET A 341 -64.85 10.61 14.89
N GLU A 342 -65.52 9.48 14.97
CA GLU A 342 -66.95 9.43 15.12
C GLU A 342 -67.29 8.58 16.34
N ILE A 343 -68.02 9.16 17.28
CA ILE A 343 -68.38 8.43 18.49
C ILE A 343 -69.87 8.17 18.58
N GLU A 344 -70.25 6.99 19.03
CA GLU A 344 -71.65 6.70 19.23
C GLU A 344 -71.96 6.34 20.67
N GLY A 345 -73.04 6.97 21.14
CA GLY A 345 -73.47 6.80 22.50
C GLY A 345 -74.48 5.71 22.56
N PHE A 346 -74.31 4.89 23.59
CA PHE A 346 -75.18 3.76 23.84
C PHE A 346 -75.59 3.85 25.29
N VAL A 347 -76.83 3.54 25.58
CA VAL A 347 -77.28 3.48 26.95
C VAL A 347 -77.45 2.02 27.31
N ILE A 348 -76.78 1.57 28.37
CA ILE A 348 -76.86 0.16 28.73
C ILE A 348 -78.10 -0.09 29.57
N LEU A 349 -79.11 -0.70 28.96
CA LEU A 349 -80.39 -0.95 29.65
C LEU A 349 -80.35 -2.31 30.36
N PRO A 350 -81.32 -2.54 31.27
CA PRO A 350 -81.44 -3.78 32.05
C PRO A 350 -81.51 -5.06 31.21
N THR A 351 -81.70 -4.92 29.90
CA THR A 351 -81.75 -6.08 29.03
C THR A 351 -80.30 -6.50 28.79
N SER A 352 -79.40 -5.85 29.53
CA SER A 352 -77.96 -6.10 29.54
C SER A 352 -77.28 -5.88 28.19
N ALA A 353 -78.06 -5.47 27.20
CA ALA A 353 -77.56 -5.20 25.85
C ALA A 353 -77.55 -3.72 25.59
N ARG A 354 -76.42 -3.20 25.13
CA ARG A 354 -76.27 -1.78 24.83
C ARG A 354 -77.32 -1.37 23.78
N GLU A 355 -77.77 -0.12 23.84
CA GLU A 355 -78.76 0.36 22.88
C GLU A 355 -78.45 1.79 22.48
N PRO A 356 -78.37 2.04 21.17
CA PRO A 356 -78.04 3.27 20.45
C PRO A 356 -78.84 4.50 20.83
N VAL A 357 -78.13 5.60 21.00
CA VAL A 357 -78.73 6.86 21.42
C VAL A 357 -78.41 8.06 20.54
N PHE A 358 -77.12 8.29 20.39
CA PHE A 358 -76.65 9.41 19.60
C PHE A 358 -75.29 9.14 18.96
N ARG A 359 -74.95 9.98 18.01
CA ARG A 359 -73.69 9.83 17.31
C ARG A 359 -73.07 11.20 17.14
N LEU A 360 -71.78 11.27 17.45
CA LEU A 360 -71.08 12.53 17.38
C LEU A 360 -69.91 12.48 16.43
N GLY A 361 -69.55 13.64 15.92
CA GLY A 361 -68.40 13.73 15.06
C GLY A 361 -67.45 14.65 15.78
N VAL A 362 -66.21 14.21 15.92
CA VAL A 362 -65.21 15.00 16.64
C VAL A 362 -63.90 15.13 15.89
N VAL A 363 -63.33 16.32 16.00
CA VAL A 363 -62.06 16.63 15.39
C VAL A 363 -61.18 17.31 16.43
N THR A 364 -60.15 16.58 16.86
CA THR A 364 -59.22 17.06 17.88
C THR A 364 -57.94 17.61 17.26
N ASN A 365 -57.89 18.92 17.03
CA ASN A 365 -56.71 19.55 16.44
C ASN A 365 -55.54 19.63 17.39
N VAL A 366 -54.44 18.92 17.15
CA VAL A 366 -53.28 19.02 18.06
C VAL A 366 -52.02 19.33 17.30
N PHE A 367 -51.04 19.88 18.02
CA PHE A 367 -49.69 20.13 17.52
C PHE A 367 -48.67 19.35 18.34
N ALA A 368 -47.78 18.64 17.63
CA ALA A 368 -46.68 17.90 18.22
C ALA A 368 -45.42 18.59 17.79
N SER A 369 -44.49 18.81 18.71
CA SER A 369 -43.21 19.42 18.36
C SER A 369 -42.06 18.56 18.93
N LEU A 370 -41.30 17.90 18.06
CA LEU A 370 -40.19 17.01 18.46
C LEU A 370 -38.82 17.68 18.58
N THR A 371 -37.96 17.06 19.38
CA THR A 371 -36.58 17.52 19.55
C THR A 371 -35.70 16.31 19.83
N PHE A 372 -34.40 16.57 20.00
CA PHE A 372 -33.43 15.56 20.41
C PHE A 372 -32.91 15.97 21.77
N ASN A 373 -32.78 15.01 22.67
CA ASN A 373 -32.27 15.29 23.99
C ASN A 373 -31.60 14.07 24.61
N ASN A 374 -30.27 14.05 24.57
CA ASN A 374 -29.48 12.96 25.15
C ASN A 374 -29.73 11.59 24.53
N SER A 375 -29.50 11.51 23.23
CA SER A 375 -29.66 10.29 22.46
C SER A 375 -31.05 9.78 22.28
N LYS A 376 -32.01 10.54 22.81
CA LYS A 376 -33.42 10.20 22.71
C LYS A 376 -34.18 11.21 21.87
N VAL A 377 -35.26 10.77 21.23
CA VAL A 377 -36.15 11.68 20.50
C VAL A 377 -37.25 12.06 21.45
N THR A 378 -37.45 13.34 21.69
CA THR A 378 -38.49 13.71 22.63
C THR A 378 -39.51 14.63 21.99
N GLY A 379 -40.69 14.68 22.58
CA GLY A 379 -41.74 15.53 22.07
C GLY A 379 -42.64 16.01 23.19
N MET A 380 -43.55 16.90 22.83
CA MET A 380 -44.51 17.50 23.74
C MET A 380 -45.75 17.91 22.94
N LEU A 381 -46.93 17.57 23.46
CA LEU A 381 -48.19 17.88 22.82
C LEU A 381 -48.53 19.35 22.93
N HIS A 382 -49.26 19.85 21.95
CA HIS A 382 -49.71 21.23 22.01
C HIS A 382 -51.23 21.18 21.76
N PRO A 383 -52.01 21.01 22.85
CA PRO A 383 -53.46 20.90 22.74
C PRO A 383 -54.07 22.08 21.97
N ASP A 384 -55.12 21.82 21.21
CA ASP A 384 -55.89 22.85 20.52
C ASP A 384 -57.40 22.52 20.62
N LYS A 385 -58.21 23.25 19.84
CA LYS A 385 -59.66 23.10 19.78
C LYS A 385 -60.15 21.68 19.57
N ALA A 386 -61.14 21.23 20.33
CA ALA A 386 -61.71 19.93 20.01
C ALA A 386 -63.10 20.22 19.44
N GLN A 387 -63.33 19.87 18.19
CA GLN A 387 -64.61 20.17 17.55
C GLN A 387 -65.63 19.03 17.58
N VAL A 388 -66.82 19.30 18.09
CA VAL A 388 -67.88 18.29 18.11
C VAL A 388 -69.06 18.69 17.28
N ARG A 389 -69.64 17.74 16.56
CA ARG A 389 -70.76 18.01 15.71
C ARG A 389 -71.72 16.85 15.84
N LEU A 390 -72.99 17.12 16.11
CA LEU A 390 -73.97 16.04 16.21
C LEU A 390 -74.11 15.35 14.84
N ILE A 391 -74.11 14.01 14.81
CA ILE A 391 -74.23 13.28 13.55
C ILE A 391 -75.62 12.71 13.42
N GLU A 392 -76.12 12.12 14.50
CA GLU A 392 -77.48 11.59 14.51
C GLU A 392 -77.90 11.47 15.97
N SER A 393 -79.21 11.40 16.21
CA SER A 393 -79.76 11.32 17.57
C SER A 393 -81.19 10.81 17.62
N LYS A 394 -81.40 9.69 18.30
CA LYS A 394 -82.74 9.17 18.44
C LYS A 394 -83.27 9.58 19.80
N VAL A 395 -82.77 10.68 20.36
CA VAL A 395 -83.24 11.13 21.67
C VAL A 395 -83.29 12.65 21.79
N GLY A 396 -83.74 13.32 20.73
CA GLY A 396 -83.90 14.75 20.81
C GLY A 396 -82.64 15.48 20.46
N MET A 397 -82.68 16.80 20.58
CA MET A 397 -81.53 17.60 20.23
C MET A 397 -80.46 17.52 21.29
N PHE A 398 -79.22 17.66 20.81
CA PHE A 398 -78.00 17.56 21.59
C PHE A 398 -77.34 18.94 21.74
N ASN A 399 -77.07 19.40 22.97
CA ASN A 399 -76.39 20.68 23.12
C ASN A 399 -74.91 20.40 22.91
N VAL A 400 -74.49 20.55 21.68
CA VAL A 400 -73.12 20.26 21.33
C VAL A 400 -72.22 21.22 22.06
N ASN A 401 -72.61 22.48 22.09
CA ASN A 401 -71.79 23.50 22.74
C ASN A 401 -71.40 23.13 24.15
N LEU A 402 -72.36 22.63 24.91
CA LEU A 402 -72.09 22.27 26.28
C LEU A 402 -71.14 21.09 26.36
N PHE A 403 -71.44 20.06 25.60
CA PHE A 403 -70.63 18.85 25.56
C PHE A 403 -69.18 19.13 25.14
N GLN A 404 -68.98 20.06 24.20
CA GLN A 404 -67.64 20.44 23.75
C GLN A 404 -66.76 20.77 24.93
N ALA A 405 -67.31 21.50 25.90
CA ALA A 405 -66.56 21.85 27.09
C ALA A 405 -66.11 20.60 27.86
N PHE A 406 -66.93 19.55 27.81
CA PHE A 406 -66.60 18.32 28.49
C PHE A 406 -65.56 17.56 27.69
N LEU A 407 -65.70 17.53 26.36
CA LEU A 407 -64.70 16.87 25.51
C LEU A 407 -63.32 17.44 25.84
N ASN A 408 -63.23 18.77 25.97
CA ASN A 408 -62.02 19.47 26.33
C ASN A 408 -61.54 19.17 27.73
N TYR A 409 -62.49 19.08 28.65
CA TYR A 409 -62.12 18.80 30.01
C TYR A 409 -61.52 17.42 30.00
N TYR A 410 -62.21 16.50 29.37
CA TYR A 410 -61.74 15.13 29.30
C TYR A 410 -60.31 15.01 28.77
N LEU A 411 -60.10 15.47 27.53
CA LEU A 411 -58.80 15.42 26.88
C LEU A 411 -57.69 16.07 27.71
N LEU A 412 -57.84 17.35 28.03
CA LEU A 412 -56.86 18.10 28.82
C LEU A 412 -56.59 17.47 30.17
N ASN A 413 -57.52 16.64 30.62
CA ASN A 413 -57.35 15.99 31.92
C ASN A 413 -57.08 14.49 31.80
N SER A 414 -57.11 13.96 30.58
CA SER A 414 -56.76 12.56 30.43
C SER A 414 -55.87 12.29 29.22
N LEU A 415 -56.49 12.23 28.06
CA LEU A 415 -55.79 11.93 26.83
C LEU A 415 -54.49 12.75 26.67
N TYR A 416 -54.59 14.08 26.68
CA TYR A 416 -53.38 14.91 26.50
C TYR A 416 -52.29 14.84 27.58
N PRO A 417 -52.65 14.73 28.86
CA PRO A 417 -51.56 14.65 29.85
C PRO A 417 -50.73 13.39 29.71
N ASP A 418 -51.39 12.31 29.30
CA ASP A 418 -50.71 11.02 29.16
C ASP A 418 -49.78 11.04 27.95
N VAL A 419 -50.33 11.34 26.77
CA VAL A 419 -49.53 11.45 25.56
C VAL A 419 -48.37 12.40 25.77
N ASN A 420 -48.61 13.49 26.47
CA ASN A 420 -47.54 14.42 26.74
C ASN A 420 -46.43 13.73 27.51
N ALA A 421 -46.80 12.79 28.36
CA ALA A 421 -45.83 12.06 29.15
C ALA A 421 -45.12 11.01 28.31
N GLU A 422 -45.86 10.33 27.45
CA GLU A 422 -45.32 9.28 26.59
C GLU A 422 -44.16 9.85 25.71
N LEU A 423 -44.36 11.05 25.17
CA LEU A 423 -43.43 11.76 24.32
C LEU A 423 -42.24 12.30 25.10
N ALA A 424 -42.55 12.88 26.26
CA ALA A 424 -41.52 13.43 27.12
C ALA A 424 -40.61 12.31 27.59
N GLN A 425 -41.12 11.09 27.69
CA GLN A 425 -40.24 9.99 28.06
C GLN A 425 -39.27 9.70 26.88
N GLY A 426 -39.77 9.87 25.67
CA GLY A 426 -38.94 9.74 24.49
C GLY A 426 -38.49 8.36 24.09
N PHE A 427 -37.97 8.27 22.87
CA PHE A 427 -37.42 7.03 22.32
C PHE A 427 -35.92 7.15 22.25
N PRO A 428 -35.20 6.09 22.62
CA PRO A 428 -33.74 6.13 22.65
C PRO A 428 -33.14 5.74 21.29
N LEU A 429 -32.26 6.59 20.78
CA LEU A 429 -31.67 6.32 19.49
C LEU A 429 -30.35 5.60 19.58
N PRO A 430 -30.03 4.81 18.54
CA PRO A 430 -28.80 4.03 18.45
C PRO A 430 -27.61 4.93 18.10
N LEU A 431 -26.89 5.46 19.09
CA LEU A 431 -25.76 6.34 18.77
C LEU A 431 -24.48 5.93 19.51
N PRO A 432 -23.32 6.32 18.97
CA PRO A 432 -22.18 5.97 19.80
C PRO A 432 -22.05 7.03 20.89
N ARG A 433 -21.08 6.91 21.79
CA ARG A 433 -20.86 7.90 22.85
C ARG A 433 -20.49 9.27 22.31
N HIS A 434 -20.63 10.28 23.15
CA HIS A 434 -20.30 11.67 22.81
C HIS A 434 -20.87 12.24 21.51
N ILE A 435 -22.09 11.88 21.16
CA ILE A 435 -22.73 12.39 19.95
C ILE A 435 -23.96 13.19 20.30
N GLN A 436 -24.21 14.28 19.58
CA GLN A 436 -25.42 15.09 19.80
C GLN A 436 -26.09 15.33 18.46
N LEU A 437 -27.41 15.22 18.40
CA LEU A 437 -28.06 15.44 17.13
C LEU A 437 -28.68 16.80 17.12
N HIS A 438 -28.78 17.39 15.94
CA HIS A 438 -29.37 18.68 15.76
C HIS A 438 -30.26 18.66 14.53
N ASP A 439 -30.96 19.78 14.38
CA ASP A 439 -31.84 20.11 13.27
C ASP A 439 -32.81 19.01 12.79
N LEU A 440 -33.61 18.48 13.71
CA LEU A 440 -34.56 17.42 13.43
C LEU A 440 -35.62 17.77 12.36
N ASP A 441 -35.66 16.90 11.35
CA ASP A 441 -36.58 16.97 10.23
C ASP A 441 -37.44 15.75 10.28
N PHE A 442 -38.59 15.87 10.92
CA PHE A 442 -39.42 14.70 11.12
C PHE A 442 -40.46 14.52 10.06
N GLN A 443 -40.15 13.68 9.08
CA GLN A 443 -41.08 13.47 7.98
C GLN A 443 -41.70 12.12 8.19
N ILE A 444 -42.94 12.01 7.73
CA ILE A 444 -43.80 10.84 7.92
C ILE A 444 -43.94 10.08 6.62
N ARG A 445 -43.96 8.75 6.74
CA ARG A 445 -43.91 7.84 5.60
C ARG A 445 -44.81 6.63 5.86
N LYS A 446 -44.46 5.48 5.28
CA LYS A 446 -45.27 4.27 5.37
C LYS A 446 -45.40 3.69 6.78
N ASP A 447 -44.68 2.61 7.04
CA ASP A 447 -44.78 1.95 8.34
C ASP A 447 -43.82 2.59 9.32
N PHE A 448 -42.92 3.38 8.77
CA PHE A 448 -41.84 3.93 9.55
C PHE A 448 -41.76 5.45 9.60
N LEU A 449 -41.21 5.93 10.72
CA LEU A 449 -40.96 7.33 10.89
C LEU A 449 -39.55 7.54 10.35
N TYR A 450 -39.34 8.67 9.70
CA TYR A 450 -38.06 8.99 9.09
C TYR A 450 -37.42 10.24 9.69
N LEU A 451 -36.55 10.06 10.66
CA LEU A 451 -35.94 11.17 11.37
C LEU A 451 -34.67 11.69 10.74
N GLY A 452 -34.70 12.94 10.26
CA GLY A 452 -33.52 13.58 9.71
C GLY A 452 -32.74 14.33 10.78
N ALA A 453 -31.41 14.18 10.85
CA ALA A 453 -30.62 14.87 11.86
C ALA A 453 -29.22 15.17 11.40
N ASN A 454 -28.56 16.11 12.07
CA ASN A 454 -27.16 16.43 11.78
C ASN A 454 -26.39 16.09 13.01
N VAL A 455 -25.10 15.88 12.88
CA VAL A 455 -24.33 15.39 14.00
C VAL A 455 -23.22 16.31 14.47
N GLN A 456 -22.91 16.18 15.75
CA GLN A 456 -21.84 16.93 16.37
C GLN A 456 -21.24 16.05 17.45
N TYR A 457 -19.94 15.87 17.31
CA TYR A 457 -19.14 15.02 18.16
C TYR A 457 -18.82 15.85 19.39
N MET A 458 -19.16 15.36 20.58
CA MET A 458 -18.89 16.16 21.78
C MET A 458 -17.44 15.89 22.05
N ARG A 459 -16.59 16.75 21.49
CA ARG A 459 -15.12 16.56 21.55
C ARG A 459 -14.54 16.59 22.96
N VAL B 5 37.19 0.15 3.55
CA VAL B 5 36.73 -1.02 2.80
C VAL B 5 37.49 -1.20 1.46
N ASN B 6 37.17 -0.40 0.44
CA ASN B 6 37.87 -0.45 -0.85
C ASN B 6 37.91 -1.82 -1.54
N PRO B 7 36.96 -2.04 -2.46
CA PRO B 7 36.72 -3.24 -3.26
C PRO B 7 37.70 -3.40 -4.42
N GLY B 8 38.06 -4.64 -4.73
CA GLY B 8 38.93 -4.95 -5.84
C GLY B 8 38.21 -4.67 -7.14
N VAL B 9 37.00 -5.19 -7.26
CA VAL B 9 36.25 -4.95 -8.48
C VAL B 9 34.97 -4.21 -8.16
N VAL B 10 34.51 -3.43 -9.14
CA VAL B 10 33.30 -2.63 -8.98
C VAL B 10 32.41 -2.66 -10.23
N ALA B 11 31.16 -3.03 -10.02
CA ALA B 11 30.22 -3.04 -11.11
C ALA B 11 29.36 -1.81 -11.00
N ARG B 12 29.53 -0.91 -11.95
CA ARG B 12 28.73 0.29 -11.96
C ARG B 12 27.66 0.09 -13.01
N ILE B 13 26.39 0.02 -12.57
CA ILE B 13 25.24 -0.11 -13.46
C ILE B 13 24.59 1.27 -13.76
N THR B 14 24.48 1.61 -15.05
CA THR B 14 23.91 2.88 -15.50
C THR B 14 22.38 2.83 -15.55
N ASP B 15 21.70 3.97 -15.68
CA ASP B 15 20.25 3.97 -15.84
C ASP B 15 19.89 3.16 -17.08
N LYS B 16 20.74 3.25 -18.11
CA LYS B 16 20.54 2.53 -19.37
C LYS B 16 20.50 1.05 -19.02
N GLY B 17 21.30 0.66 -18.04
CA GLY B 17 21.25 -0.72 -17.58
C GLY B 17 20.10 -1.00 -16.66
N LEU B 18 19.67 0.01 -15.92
CA LEU B 18 18.56 -0.16 -14.98
C LEU B 18 17.26 -0.27 -15.77
N ALA B 19 17.27 0.29 -16.99
CA ALA B 19 16.12 0.26 -17.89
C ALA B 19 15.94 -1.13 -18.44
N TYR B 20 17.06 -1.77 -18.77
CA TYR B 20 17.05 -3.13 -19.27
C TYR B 20 16.61 -4.12 -18.20
N ALA B 21 17.20 -4.01 -17.02
CA ALA B 21 16.86 -4.91 -15.94
C ALA B 21 15.36 -4.90 -15.70
N ALA B 22 14.76 -3.71 -15.67
CA ALA B 22 13.33 -3.62 -15.45
C ALA B 22 12.51 -4.23 -16.59
N LYS B 23 12.89 -3.84 -17.82
CA LYS B 23 12.25 -4.27 -19.05
C LYS B 23 12.16 -5.78 -19.06
N GLU B 24 13.24 -6.42 -18.65
CA GLU B 24 13.32 -7.86 -18.50
C GLU B 24 12.53 -8.35 -17.30
N GLY B 25 12.52 -7.55 -16.25
CA GLY B 25 11.85 -7.93 -15.02
C GLY B 25 10.36 -7.96 -15.23
N LEU B 26 9.88 -7.11 -16.14
CA LEU B 26 8.44 -7.06 -16.44
C LEU B 26 7.98 -8.35 -17.10
N VAL B 27 8.86 -8.88 -17.94
CA VAL B 27 8.60 -10.08 -18.72
C VAL B 27 8.45 -11.29 -17.81
N ALA B 28 9.30 -11.36 -16.80
CA ALA B 28 9.25 -12.45 -15.84
C ALA B 28 8.05 -12.27 -14.93
N LEU B 29 7.82 -11.01 -14.58
CA LEU B 29 6.79 -10.61 -13.65
C LEU B 29 5.40 -10.88 -14.22
N GLN B 30 5.20 -10.43 -15.45
CA GLN B 30 3.98 -10.70 -16.16
C GLN B 30 3.67 -12.19 -16.15
N ARG B 31 4.68 -13.00 -16.41
CA ARG B 31 4.54 -14.45 -16.45
C ARG B 31 4.06 -14.98 -15.09
N GLU B 32 4.44 -14.33 -14.00
CA GLU B 32 4.01 -14.77 -12.68
C GLU B 32 2.61 -14.38 -12.27
N LEU B 33 2.07 -13.34 -12.90
CA LEU B 33 0.75 -12.87 -12.52
C LEU B 33 -0.28 -13.90 -12.92
N TYR B 34 -0.01 -14.60 -14.03
CA TYR B 34 -0.91 -15.64 -14.52
C TYR B 34 -1.18 -16.73 -13.51
N LYS B 35 -0.30 -16.87 -12.54
CA LYS B 35 -0.46 -17.89 -11.52
C LYS B 35 -1.28 -17.40 -10.35
N ILE B 36 -1.63 -16.11 -10.35
CA ILE B 36 -2.41 -15.58 -9.25
C ILE B 36 -3.68 -16.36 -9.19
N THR B 37 -3.98 -16.84 -8.00
CA THR B 37 -5.18 -17.63 -7.81
C THR B 37 -6.09 -16.85 -6.92
N LEU B 38 -7.18 -16.41 -7.54
CA LEU B 38 -8.22 -15.62 -6.89
C LEU B 38 -9.27 -16.54 -6.24
N PRO B 39 -9.95 -16.02 -5.21
CA PRO B 39 -11.02 -16.74 -4.52
C PRO B 39 -12.34 -16.77 -5.29
N ASP B 40 -13.40 -17.00 -4.52
CA ASP B 40 -14.78 -17.06 -4.99
C ASP B 40 -15.58 -16.09 -4.18
N PHE B 41 -16.53 -15.46 -4.85
CA PHE B 41 -17.41 -14.52 -4.19
C PHE B 41 -18.86 -15.02 -4.27
N SER B 42 -19.48 -15.15 -3.10
CA SER B 42 -20.89 -15.58 -2.95
C SER B 42 -21.60 -14.76 -1.89
N GLY B 43 -22.93 -14.81 -1.88
CA GLY B 43 -23.68 -14.08 -0.88
C GLY B 43 -25.15 -13.97 -1.18
N ASP B 44 -25.87 -13.11 -0.45
CA ASP B 44 -27.27 -12.88 -0.75
C ASP B 44 -27.37 -11.62 -1.56
N PHE B 45 -28.52 -11.43 -2.20
CA PHE B 45 -28.68 -10.25 -3.02
C PHE B 45 -30.07 -9.61 -3.00
N LYS B 46 -30.79 -9.75 -1.89
CA LYS B 46 -32.14 -9.19 -1.75
C LYS B 46 -32.21 -7.73 -2.26
N ILE B 47 -32.98 -7.50 -3.32
CA ILE B 47 -33.14 -6.17 -3.92
C ILE B 47 -34.59 -5.87 -4.31
N LYS B 48 -34.89 -4.62 -4.61
CA LYS B 48 -36.26 -4.22 -4.96
C LYS B 48 -36.77 -4.94 -6.21
N ALA B 49 -35.90 -5.00 -7.20
CA ALA B 49 -36.23 -5.59 -8.49
C ALA B 49 -36.55 -7.05 -8.38
N VAL B 50 -35.53 -7.86 -8.62
CA VAL B 50 -35.68 -9.30 -8.53
C VAL B 50 -35.88 -9.57 -7.05
N GLY B 51 -36.42 -10.73 -6.71
CA GLY B 51 -36.60 -11.09 -5.31
C GLY B 51 -35.27 -11.24 -4.58
N ARG B 52 -35.27 -12.06 -3.55
CA ARG B 52 -34.07 -12.33 -2.79
C ARG B 52 -33.51 -13.66 -3.24
N GLY B 53 -32.24 -13.93 -2.98
CA GLY B 53 -31.67 -15.17 -3.44
C GLY B 53 -30.20 -15.39 -3.19
N GLN B 54 -29.68 -16.45 -3.77
CA GLN B 54 -28.30 -16.80 -3.60
C GLN B 54 -27.53 -16.59 -4.91
N TYR B 55 -26.27 -16.15 -4.82
CA TYR B 55 -25.43 -15.94 -6.01
C TYR B 55 -24.03 -16.44 -5.78
N GLU B 56 -23.31 -16.66 -6.86
CA GLU B 56 -21.95 -17.14 -6.73
C GLU B 56 -21.12 -16.94 -7.99
N PHE B 57 -20.01 -16.24 -7.82
CA PHE B 57 -19.04 -16.02 -8.88
C PHE B 57 -17.78 -16.85 -8.53
N HIS B 58 -17.53 -17.87 -9.32
CA HIS B 58 -16.47 -18.81 -9.01
C HIS B 58 -15.59 -19.08 -10.20
N SER B 59 -14.56 -19.87 -9.97
CA SER B 59 -13.60 -20.27 -10.99
C SER B 59 -12.99 -19.10 -11.76
N LEU B 60 -12.39 -18.19 -11.01
CA LEU B 60 -11.75 -17.02 -11.58
C LEU B 60 -10.32 -17.38 -11.95
N GLU B 61 -9.85 -16.94 -13.12
CA GLU B 61 -8.46 -17.17 -13.51
C GLU B 61 -7.91 -15.92 -14.20
N ILE B 62 -6.65 -15.58 -13.94
CA ILE B 62 -6.05 -14.39 -14.52
C ILE B 62 -5.94 -14.58 -16.00
N GLN B 63 -6.51 -13.69 -16.77
CA GLN B 63 -6.30 -13.84 -18.19
C GLN B 63 -5.72 -12.60 -18.79
N ASN B 64 -5.30 -12.73 -20.03
CA ASN B 64 -4.78 -11.64 -20.84
C ASN B 64 -4.12 -10.50 -20.06
N CYS B 65 -3.05 -10.83 -19.33
CA CYS B 65 -2.22 -9.89 -18.58
C CYS B 65 -1.08 -9.36 -19.41
N GLU B 66 -1.12 -8.08 -19.73
CA GLU B 66 -0.07 -7.43 -20.50
C GLU B 66 0.46 -6.22 -19.74
N LEU B 67 1.72 -6.31 -19.30
CA LEU B 67 2.38 -5.26 -18.55
C LEU B 67 3.15 -4.38 -19.52
N ARG B 68 2.89 -3.08 -19.54
CA ARG B 68 3.48 -2.26 -20.57
C ARG B 68 4.52 -1.21 -20.15
N GLY B 69 4.19 -0.36 -19.20
CA GLY B 69 5.16 0.64 -18.79
C GLY B 69 6.01 0.09 -17.68
N SER B 70 7.21 0.64 -17.53
CA SER B 70 8.08 0.25 -16.43
C SER B 70 9.24 1.21 -16.34
N SER B 71 9.85 1.30 -15.16
CA SER B 71 11.00 2.15 -14.92
C SER B 71 11.65 1.80 -13.60
N LEU B 72 12.97 1.73 -13.59
CA LEU B 72 13.74 1.41 -12.38
C LEU B 72 14.51 2.63 -11.93
N LYS B 73 14.09 3.24 -10.82
CA LYS B 73 14.80 4.42 -10.37
C LYS B 73 15.68 4.03 -9.20
N LEU B 74 16.49 5.00 -8.76
CA LEU B 74 17.38 4.76 -7.62
C LEU B 74 16.92 5.49 -6.35
N LEU B 75 16.98 4.77 -5.24
CA LEU B 75 16.64 5.37 -3.97
C LEU B 75 17.91 5.51 -3.17
N PRO B 76 18.58 6.68 -3.23
CA PRO B 76 19.85 6.82 -2.52
C PRO B 76 19.75 6.43 -1.07
N GLY B 77 20.50 5.41 -0.67
CA GLY B 77 20.45 4.94 0.69
C GLY B 77 19.86 3.56 0.80
N GLN B 78 18.76 3.31 0.09
CA GLN B 78 18.11 2.01 0.17
C GLN B 78 18.30 1.14 -1.07
N GLY B 79 17.86 1.63 -2.21
CA GLY B 79 17.99 0.81 -3.41
C GLY B 79 17.30 1.33 -4.64
N LEU B 80 16.43 0.49 -5.18
CA LEU B 80 15.67 0.82 -6.38
C LEU B 80 14.17 0.98 -6.16
N SER B 81 13.55 1.70 -7.08
CA SER B 81 12.12 1.83 -7.09
C SER B 81 11.58 1.32 -8.45
N LEU B 82 10.76 0.27 -8.41
CA LEU B 82 10.19 -0.29 -9.62
C LEU B 82 8.82 0.39 -9.73
N ALA B 83 8.41 0.70 -10.95
CA ALA B 83 7.13 1.37 -11.14
C ALA B 83 6.53 0.92 -12.45
N ILE B 84 5.53 0.04 -12.40
CA ILE B 84 5.00 -0.42 -13.67
C ILE B 84 3.62 0.21 -13.86
N SER B 85 3.37 0.62 -15.10
CA SER B 85 2.16 1.33 -15.45
C SER B 85 1.67 1.00 -16.86
N ASP B 86 0.57 1.65 -17.22
CA ASP B 86 -0.10 1.44 -18.52
C ASP B 86 -0.32 -0.07 -18.77
N SER B 87 -0.59 -0.80 -17.69
CA SER B 87 -0.69 -2.25 -17.77
C SER B 87 -2.11 -2.73 -17.69
N SER B 88 -2.31 -4.05 -17.85
CA SER B 88 -3.67 -4.59 -17.85
C SER B 88 -3.76 -6.02 -17.38
N ILE B 89 -4.87 -6.36 -16.75
CA ILE B 89 -5.13 -7.74 -16.41
C ILE B 89 -6.60 -7.98 -16.53
N GLY B 90 -6.92 -9.11 -17.11
CA GLY B 90 -8.28 -9.54 -17.32
C GLY B 90 -8.61 -10.69 -16.41
N VAL B 91 -9.88 -10.83 -16.05
CA VAL B 91 -10.33 -11.96 -15.26
C VAL B 91 -11.52 -12.60 -15.96
N ARG B 92 -11.57 -13.91 -15.89
CA ARG B 92 -12.64 -14.71 -16.47
C ARG B 92 -13.11 -15.60 -15.34
N GLY B 93 -14.40 -15.88 -15.34
CA GLY B 93 -14.94 -16.68 -14.27
C GLY B 93 -16.24 -17.26 -14.72
N LYS B 94 -16.96 -17.81 -13.76
CA LYS B 94 -18.26 -18.42 -14.01
C LYS B 94 -19.20 -17.89 -12.95
N TRP B 95 -20.49 -17.84 -13.24
CA TRP B 95 -21.41 -17.39 -12.21
C TRP B 95 -22.66 -18.27 -12.06
N LYS B 96 -23.20 -18.27 -10.86
CA LYS B 96 -24.39 -19.05 -10.55
C LYS B 96 -25.33 -18.24 -9.67
N VAL B 97 -26.53 -17.95 -10.19
CA VAL B 97 -27.52 -17.19 -9.42
C VAL B 97 -28.70 -18.08 -9.08
N ARG B 98 -28.96 -18.26 -7.79
CA ARG B 98 -30.06 -19.11 -7.34
C ARG B 98 -31.28 -18.35 -6.80
N LYS B 99 -32.37 -18.36 -7.59
CA LYS B 99 -33.63 -17.70 -7.22
C LYS B 99 -34.86 -18.58 -7.48
N SER B 100 -35.80 -18.59 -6.53
CA SER B 100 -37.04 -19.38 -6.67
C SER B 100 -36.69 -20.86 -6.81
N PHE B 101 -35.58 -21.25 -6.20
CA PHE B 101 -35.09 -22.62 -6.28
C PHE B 101 -34.83 -23.02 -7.73
N LEU B 102 -35.03 -22.07 -8.65
CA LEU B 102 -34.74 -22.27 -10.06
C LEU B 102 -33.32 -21.73 -10.37
N LYS B 103 -32.30 -22.58 -10.24
CA LYS B 103 -30.92 -22.16 -10.44
C LYS B 103 -30.61 -21.64 -11.85
N LEU B 104 -29.97 -20.45 -11.95
CA LEU B 104 -29.47 -19.98 -13.24
C LEU B 104 -27.93 -19.85 -13.26
N HIS B 105 -27.31 -19.81 -14.44
CA HIS B 105 -25.85 -19.68 -14.50
C HIS B 105 -25.24 -19.33 -15.88
N GLY B 106 -23.97 -18.93 -15.85
CA GLY B 106 -23.26 -18.50 -17.04
C GLY B 106 -21.87 -18.04 -16.66
N SER B 107 -21.17 -17.34 -17.55
CA SER B 107 -19.80 -16.91 -17.20
C SER B 107 -19.61 -15.39 -17.30
N PHE B 108 -18.52 -14.88 -16.73
CA PHE B 108 -18.27 -13.45 -16.75
C PHE B 108 -16.85 -13.12 -17.10
N ASP B 109 -16.65 -11.85 -17.43
CA ASP B 109 -15.43 -11.32 -18.01
C ASP B 109 -15.00 -10.00 -17.43
N LEU B 110 -13.72 -9.84 -17.14
CA LEU B 110 -13.29 -8.58 -16.57
C LEU B 110 -12.09 -7.98 -17.26
N ASP B 111 -12.12 -6.69 -17.56
CA ASP B 111 -10.96 -6.05 -18.19
C ASP B 111 -10.51 -4.82 -17.45
N VAL B 112 -9.31 -4.87 -16.89
CA VAL B 112 -8.78 -3.75 -16.14
C VAL B 112 -7.75 -3.07 -17.00
N LYS B 113 -7.81 -1.74 -17.13
CA LYS B 113 -6.85 -1.06 -18.00
C LYS B 113 -6.06 0.06 -17.33
N GLY B 114 -6.21 0.24 -16.04
CA GLY B 114 -5.47 1.31 -15.40
C GLY B 114 -4.50 0.80 -14.36
N VAL B 115 -3.91 -0.37 -14.63
CA VAL B 115 -3.10 -0.99 -13.60
C VAL B 115 -1.75 -0.31 -13.43
N THR B 116 -1.45 0.04 -12.19
CA THR B 116 -0.22 0.71 -11.84
C THR B 116 0.35 0.08 -10.58
N ILE B 117 1.63 -0.26 -10.59
CA ILE B 117 2.27 -0.91 -9.46
C ILE B 117 3.57 -0.25 -9.03
N SER B 118 3.77 -0.13 -7.71
CA SER B 118 4.95 0.49 -7.16
C SER B 118 5.55 -0.43 -6.12
N VAL B 119 6.85 -0.71 -6.25
CA VAL B 119 7.55 -1.58 -5.31
C VAL B 119 8.96 -1.07 -5.03
N ASP B 120 9.40 -1.22 -3.80
CA ASP B 120 10.74 -0.82 -3.46
C ASP B 120 11.61 -2.06 -3.42
N LEU B 121 12.77 -1.98 -4.08
CA LEU B 121 13.73 -3.08 -4.05
C LEU B 121 14.89 -2.74 -3.12
N LEU B 122 14.88 -3.35 -1.94
CA LEU B 122 15.90 -3.08 -0.94
C LEU B 122 17.09 -3.99 -1.15
N LEU B 123 18.21 -3.38 -1.52
CA LEU B 123 19.43 -4.12 -1.83
C LEU B 123 20.42 -4.12 -0.71
N GLY B 124 20.91 -5.31 -0.37
CA GLY B 124 21.88 -5.51 0.68
C GLY B 124 22.71 -6.77 0.43
N MET B 125 23.44 -7.19 1.47
CA MET B 125 24.28 -8.38 1.42
C MET B 125 24.16 -9.24 2.70
N ASP B 126 24.30 -10.55 2.58
CA ASP B 126 24.18 -11.45 3.74
C ASP B 126 25.56 -11.66 4.38
N PRO B 127 25.63 -12.36 5.54
CA PRO B 127 26.97 -12.54 6.15
C PRO B 127 28.05 -13.05 5.18
N SER B 128 27.67 -14.06 4.42
CA SER B 128 28.51 -14.75 3.45
C SER B 128 29.05 -13.81 2.36
N GLY B 129 28.61 -12.56 2.35
CA GLY B 129 29.10 -11.58 1.39
C GLY B 129 28.31 -11.59 0.10
N ARG B 130 27.28 -12.44 0.06
CA ARG B 130 26.38 -12.61 -1.08
C ARG B 130 25.24 -11.57 -1.06
N PRO B 131 24.74 -11.17 -2.24
CA PRO B 131 23.71 -10.13 -2.36
C PRO B 131 22.31 -10.55 -1.87
N THR B 132 21.49 -9.57 -1.50
CA THR B 132 20.14 -9.84 -1.03
C THR B 132 19.17 -8.83 -1.55
N VAL B 133 18.00 -9.32 -1.92
CA VAL B 133 16.91 -8.44 -2.34
C VAL B 133 15.70 -8.67 -1.48
N SER B 134 14.87 -7.65 -1.40
CA SER B 134 13.60 -7.77 -0.69
C SER B 134 12.72 -6.63 -1.16
N ALA B 135 11.47 -6.95 -1.43
CA ALA B 135 10.53 -5.93 -1.88
C ALA B 135 9.90 -5.33 -0.68
N SER B 136 9.80 -4.01 -0.65
CA SER B 136 9.11 -3.37 0.46
C SER B 136 8.12 -2.34 -0.04
N GLY B 137 7.03 -2.15 0.69
CA GLY B 137 6.08 -1.12 0.37
C GLY B 137 5.33 -1.25 -0.93
N CYS B 138 4.99 -2.46 -1.31
CA CYS B 138 4.25 -2.66 -2.55
C CYS B 138 2.84 -2.02 -2.47
N SER B 139 2.43 -1.45 -3.60
CA SER B 139 1.14 -0.79 -3.73
C SER B 139 0.73 -0.82 -5.21
N SER B 140 -0.50 -1.26 -5.48
CA SER B 140 -0.99 -1.41 -6.82
C SER B 140 -2.35 -0.77 -6.98
N ARG B 141 -2.65 -0.21 -8.14
CA ARG B 141 -3.95 0.43 -8.28
C ARG B 141 -4.68 -0.16 -9.48
N ILE B 142 -5.73 -0.91 -9.16
CA ILE B 142 -6.58 -1.54 -10.14
C ILE B 142 -7.93 -0.84 -10.20
N CYS B 143 -8.18 -0.16 -11.31
CA CYS B 143 -9.43 0.56 -11.53
C CYS B 143 -9.96 0.33 -12.94
N ASP B 144 -10.76 1.25 -13.45
CA ASP B 144 -11.29 1.10 -14.81
C ASP B 144 -11.88 -0.26 -15.07
N LEU B 145 -12.59 -0.86 -14.12
CA LEU B 145 -13.02 -2.23 -14.37
C LEU B 145 -14.18 -2.28 -15.34
N ASP B 146 -13.95 -3.01 -16.43
CA ASP B 146 -14.96 -3.21 -17.45
C ASP B 146 -15.46 -4.64 -17.35
N VAL B 147 -16.64 -4.80 -16.76
CA VAL B 147 -17.22 -6.11 -16.53
C VAL B 147 -18.25 -6.50 -17.56
N HIS B 148 -18.17 -7.76 -18.00
CA HIS B 148 -19.06 -8.30 -19.00
C HIS B 148 -19.68 -9.53 -18.42
N ILE B 149 -21.01 -9.59 -18.35
CA ILE B 149 -21.68 -10.80 -17.87
C ILE B 149 -22.54 -11.42 -18.96
N SER B 150 -22.40 -12.73 -19.14
CA SER B 150 -23.04 -13.46 -20.22
C SER B 150 -24.54 -13.38 -20.24
N GLY B 151 -25.08 -13.11 -21.42
CA GLY B 151 -26.51 -13.04 -21.59
C GLY B 151 -27.04 -11.64 -21.46
N ASN B 152 -26.15 -10.70 -21.14
CA ASN B 152 -26.51 -9.28 -21.00
C ASN B 152 -27.74 -9.02 -20.07
N VAL B 153 -27.74 -9.61 -18.88
CA VAL B 153 -28.81 -9.32 -17.92
C VAL B 153 -28.44 -8.16 -16.99
N GLY B 154 -29.31 -7.14 -16.98
CA GLY B 154 -29.09 -5.94 -16.22
C GLY B 154 -29.11 -6.08 -14.71
N TRP B 155 -30.04 -6.84 -14.14
CA TRP B 155 -30.06 -6.96 -12.68
C TRP B 155 -28.78 -7.61 -12.14
N LEU B 156 -28.23 -8.59 -12.84
CA LEU B 156 -27.03 -9.28 -12.37
C LEU B 156 -25.77 -8.45 -12.44
N LEU B 157 -25.67 -7.62 -13.47
CA LEU B 157 -24.53 -6.77 -13.66
C LEU B 157 -24.53 -5.75 -12.52
N ASN B 158 -25.67 -5.12 -12.25
CA ASN B 158 -25.74 -4.16 -11.15
C ASN B 158 -25.39 -4.81 -9.83
N LEU B 159 -25.72 -6.10 -9.71
CA LEU B 159 -25.51 -6.80 -8.45
C LEU B 159 -24.03 -6.94 -8.22
N PHE B 160 -23.33 -7.15 -9.33
CA PHE B 160 -21.89 -7.33 -9.34
C PHE B 160 -21.24 -6.00 -8.99
N HIS B 161 -21.70 -4.88 -9.57
CA HIS B 161 -21.03 -3.62 -9.27
C HIS B 161 -21.21 -3.25 -7.82
N ASN B 162 -22.36 -3.59 -7.27
CA ASN B 162 -22.69 -3.17 -5.92
C ASN B 162 -22.16 -4.09 -4.83
N GLN B 163 -21.90 -5.37 -5.13
CA GLN B 163 -21.50 -6.29 -4.07
C GLN B 163 -20.21 -7.08 -4.36
N ILE B 164 -19.61 -6.97 -5.55
CA ILE B 164 -18.36 -7.70 -5.88
C ILE B 164 -17.17 -6.91 -6.42
N GLU B 165 -17.43 -5.98 -7.34
CA GLU B 165 -16.37 -5.22 -7.97
C GLU B 165 -15.31 -4.70 -6.98
N SER B 166 -15.68 -3.85 -6.03
CA SER B 166 -14.71 -3.34 -5.05
C SER B 166 -14.03 -4.44 -4.29
N LYS B 167 -14.76 -5.49 -4.00
CA LYS B 167 -14.16 -6.61 -3.32
C LYS B 167 -13.17 -7.26 -4.22
N LEU B 168 -13.52 -7.47 -5.49
CA LEU B 168 -12.58 -8.12 -6.37
C LEU B 168 -11.35 -7.23 -6.55
N GLN B 169 -11.56 -5.92 -6.71
CA GLN B 169 -10.46 -5.00 -6.90
C GLN B 169 -9.35 -5.14 -5.87
N LYS B 170 -9.71 -5.07 -4.60
CA LYS B 170 -8.71 -5.15 -3.53
C LYS B 170 -8.05 -6.49 -3.49
N VAL B 171 -8.81 -7.58 -3.60
CA VAL B 171 -8.19 -8.89 -3.62
C VAL B 171 -7.14 -8.95 -4.73
N LEU B 172 -7.50 -8.37 -5.86
CA LEU B 172 -6.63 -8.44 -6.98
C LEU B 172 -5.43 -7.56 -6.68
N GLU B 173 -5.66 -6.38 -6.14
CA GLU B 173 -4.57 -5.48 -5.77
C GLU B 173 -3.70 -6.14 -4.70
N ASN B 174 -4.32 -6.92 -3.82
CA ASN B 174 -3.56 -7.58 -2.79
C ASN B 174 -2.68 -8.70 -3.28
N LYS B 175 -3.19 -9.47 -4.23
CA LYS B 175 -2.47 -10.62 -4.81
C LYS B 175 -1.34 -10.24 -5.75
N VAL B 176 -1.57 -9.20 -6.51
CA VAL B 176 -0.59 -8.73 -7.44
C VAL B 176 0.61 -8.29 -6.63
N CYS B 177 0.33 -7.66 -5.51
CA CYS B 177 1.40 -7.20 -4.64
C CYS B 177 2.03 -8.39 -3.88
N GLU B 178 1.23 -9.37 -3.51
CA GLU B 178 1.73 -10.57 -2.82
C GLU B 178 2.58 -11.40 -3.75
N MET B 179 2.27 -11.31 -5.04
CA MET B 179 3.01 -12.09 -6.02
C MET B 179 4.42 -11.50 -6.25
N ILE B 180 4.50 -10.18 -6.39
CA ILE B 180 5.78 -9.52 -6.61
C ILE B 180 6.67 -9.74 -5.42
N GLN B 181 6.08 -9.66 -4.23
CA GLN B 181 6.86 -9.90 -3.04
C GLN B 181 7.34 -11.34 -3.02
N LYS B 182 6.44 -12.29 -3.23
CA LYS B 182 6.87 -13.69 -3.28
C LYS B 182 7.90 -13.82 -4.39
N SER B 183 7.61 -13.26 -5.55
CA SER B 183 8.53 -13.39 -6.68
C SER B 183 9.95 -12.88 -6.45
N VAL B 184 10.11 -11.82 -5.65
CA VAL B 184 11.44 -11.23 -5.42
C VAL B 184 12.37 -12.09 -4.58
N THR B 185 11.88 -12.60 -3.47
CA THR B 185 12.71 -13.39 -2.58
C THR B 185 12.87 -14.83 -3.06
N SER B 186 12.03 -15.27 -4.00
CA SER B 186 12.17 -16.65 -4.48
C SER B 186 12.70 -16.79 -5.92
N ASP B 187 12.86 -15.70 -6.66
CA ASP B 187 13.36 -15.77 -8.03
C ASP B 187 14.44 -14.75 -8.20
N LEU B 188 14.14 -13.50 -7.87
CA LEU B 188 15.12 -12.43 -8.02
C LEU B 188 16.40 -12.67 -7.18
N GLN B 189 16.23 -12.90 -5.87
CA GLN B 189 17.33 -13.17 -4.94
C GLN B 189 18.08 -14.47 -5.24
N PRO B 190 17.35 -15.55 -5.57
CA PRO B 190 18.12 -16.75 -5.93
C PRO B 190 18.84 -16.57 -7.26
N TYR B 191 18.45 -15.61 -8.08
CA TYR B 191 19.13 -15.36 -9.34
C TYR B 191 20.32 -14.44 -9.16
N LEU B 192 20.12 -13.35 -8.44
CA LEU B 192 21.22 -12.44 -8.20
C LEU B 192 22.35 -13.15 -7.45
N GLN B 193 22.02 -14.16 -6.66
CA GLN B 193 23.05 -14.87 -5.92
C GLN B 193 23.83 -15.89 -6.76
N THR B 194 23.43 -16.10 -8.02
CA THR B 194 24.17 -17.02 -8.87
C THR B 194 25.39 -16.31 -9.37
N LEU B 195 25.56 -15.09 -8.87
CA LEU B 195 26.73 -14.34 -9.16
C LEU B 195 27.74 -15.08 -8.31
N PRO B 196 28.82 -15.58 -8.94
CA PRO B 196 29.86 -16.41 -8.35
C PRO B 196 30.44 -15.81 -7.09
N VAL B 197 30.53 -16.66 -6.07
CA VAL B 197 31.10 -16.28 -4.81
C VAL B 197 32.60 -16.39 -5.03
N THR B 198 32.96 -17.28 -5.94
CA THR B 198 34.34 -17.46 -6.30
C THR B 198 34.40 -18.04 -7.69
N ALA B 199 35.12 -17.38 -8.58
CA ALA B 199 35.18 -17.90 -9.93
C ALA B 199 36.62 -18.18 -10.31
N GLU B 200 36.83 -19.39 -10.82
CA GLU B 200 38.13 -19.84 -11.21
C GLU B 200 38.48 -19.11 -12.49
N ILE B 201 39.74 -18.67 -12.56
CA ILE B 201 40.27 -18.02 -13.76
C ILE B 201 40.98 -19.03 -14.66
N ASP B 202 41.97 -19.67 -14.08
CA ASP B 202 42.78 -20.65 -14.76
C ASP B 202 42.65 -21.86 -13.87
N ASN B 203 43.08 -23.04 -14.32
CA ASN B 203 42.99 -24.23 -13.46
C ASN B 203 43.86 -24.04 -12.20
N VAL B 204 44.50 -22.88 -12.07
CA VAL B 204 45.31 -22.57 -10.91
C VAL B 204 44.61 -21.58 -9.95
N LEU B 205 44.45 -20.32 -10.38
CA LEU B 205 43.83 -19.31 -9.51
C LEU B 205 42.34 -18.99 -9.80
N GLY B 206 41.75 -18.11 -8.98
CA GLY B 206 40.36 -17.70 -9.10
C GLY B 206 40.07 -16.40 -8.36
N ILE B 207 38.88 -15.82 -8.55
CA ILE B 207 38.56 -14.57 -7.88
C ILE B 207 37.38 -14.75 -6.95
N ASP B 208 37.38 -13.99 -5.86
CA ASP B 208 36.32 -14.00 -4.88
C ASP B 208 35.46 -12.78 -5.17
N TYR B 209 34.21 -13.02 -5.58
CA TYR B 209 33.32 -11.93 -5.92
C TYR B 209 32.30 -11.72 -4.82
N SER B 210 32.78 -11.81 -3.59
CA SER B 210 31.90 -11.58 -2.48
C SER B 210 31.91 -10.08 -2.32
N LEU B 211 30.75 -9.53 -1.95
CA LEU B 211 30.57 -8.09 -1.80
C LEU B 211 31.20 -7.55 -0.55
N VAL B 212 31.84 -6.39 -0.65
CA VAL B 212 32.44 -5.77 0.51
C VAL B 212 31.46 -4.77 1.06
N ALA B 213 30.35 -4.60 0.33
CA ALA B 213 29.29 -3.70 0.76
C ALA B 213 28.06 -3.93 -0.07
N ALA B 214 26.93 -3.53 0.51
CA ALA B 214 25.65 -3.64 -0.13
C ALA B 214 25.67 -2.66 -1.27
N PRO B 215 25.01 -3.01 -2.40
CA PRO B 215 24.93 -2.13 -3.56
C PRO B 215 24.66 -0.70 -3.10
N GLN B 216 25.49 0.21 -3.58
CA GLN B 216 25.41 1.60 -3.21
C GLN B 216 24.53 2.33 -4.21
N ALA B 217 23.25 2.50 -3.90
CA ALA B 217 22.35 3.18 -4.80
C ALA B 217 22.69 4.66 -4.73
N LYS B 218 23.43 5.15 -5.72
CA LYS B 218 23.86 6.54 -5.75
C LYS B 218 22.68 7.38 -6.20
N ALA B 219 22.88 8.38 -7.07
CA ALA B 219 21.76 9.20 -7.54
C ALA B 219 21.27 8.79 -8.92
N GLN B 220 22.25 8.56 -9.79
CA GLN B 220 22.04 8.11 -11.15
C GLN B 220 22.72 6.76 -11.42
N VAL B 221 23.44 6.20 -10.45
CA VAL B 221 24.19 4.99 -10.72
C VAL B 221 24.08 3.94 -9.61
N LEU B 222 24.34 2.69 -9.92
CA LEU B 222 24.33 1.64 -8.92
C LEU B 222 25.75 1.05 -8.91
N ASP B 223 26.44 1.20 -7.79
CA ASP B 223 27.79 0.72 -7.70
C ASP B 223 27.84 -0.44 -6.78
N VAL B 224 28.01 -1.63 -7.32
CA VAL B 224 28.03 -2.78 -6.44
C VAL B 224 29.47 -3.24 -6.26
N MET B 225 29.92 -3.18 -5.00
CA MET B 225 31.30 -3.44 -4.64
C MET B 225 31.60 -4.90 -4.32
N PHE B 226 32.60 -5.45 -5.00
CA PHE B 226 33.03 -6.83 -4.78
C PHE B 226 34.42 -6.86 -4.18
N LYS B 227 34.72 -7.94 -3.45
CA LYS B 227 36.05 -8.10 -2.84
C LYS B 227 37.12 -8.08 -3.94
N GLY B 228 37.24 -9.19 -4.66
CA GLY B 228 38.15 -9.35 -5.80
C GLY B 228 39.62 -9.55 -5.44
N GLU B 229 40.10 -10.79 -5.43
CA GLU B 229 41.50 -11.01 -5.03
C GLU B 229 42.22 -12.12 -5.81
N ILE B 230 42.44 -13.25 -5.13
CA ILE B 230 43.05 -14.47 -5.66
C ILE B 230 42.83 -15.66 -4.72
N PHE B 231 42.15 -16.71 -5.21
CA PHE B 231 41.83 -17.88 -4.39
C PHE B 231 42.88 -19.01 -4.56
N ASN B 232 42.68 -19.90 -5.53
CA ASN B 232 43.54 -21.08 -5.74
C ASN B 232 43.29 -22.10 -4.62
N HIS B 235 45.49 -22.73 -1.31
CA HIS B 235 46.36 -21.54 -1.26
C HIS B 235 45.64 -20.35 -0.64
N ARG B 236 45.10 -19.45 -1.46
CA ARG B 236 44.39 -18.30 -0.92
C ARG B 236 45.15 -17.63 0.22
N SER B 237 46.41 -17.28 -0.03
CA SER B 237 47.23 -16.63 0.98
C SER B 237 46.72 -15.22 1.23
N PRO B 238 46.34 -14.92 2.49
CA PRO B 238 45.78 -13.63 2.91
C PRO B 238 46.60 -12.50 2.36
N VAL B 239 46.39 -12.21 1.08
CA VAL B 239 47.10 -11.17 0.37
C VAL B 239 46.31 -9.89 0.65
N ALA B 240 46.37 -9.51 1.93
CA ALA B 240 45.68 -8.35 2.47
C ALA B 240 46.21 -7.02 1.93
N THR B 241 46.41 -6.99 0.61
CA THR B 241 46.83 -5.78 -0.07
C THR B 241 45.67 -4.80 0.08
N PRO B 242 45.95 -3.63 0.67
CA PRO B 242 44.92 -2.65 1.01
C PRO B 242 44.10 -2.15 -0.18
N THR B 243 44.62 -2.33 -1.40
CA THR B 243 43.99 -1.87 -2.64
C THR B 243 43.82 -0.36 -2.60
N PRO B 244 44.51 0.37 -3.48
CA PRO B 244 44.27 1.83 -3.43
C PRO B 244 42.86 2.12 -3.90
N THR B 245 42.33 3.29 -3.57
CA THR B 245 40.96 3.60 -3.93
C THR B 245 40.92 4.04 -5.38
N MET B 246 40.01 3.45 -6.14
CA MET B 246 39.83 3.91 -7.50
C MET B 246 38.59 4.77 -7.54
N SER B 247 38.58 5.68 -8.49
CA SER B 247 37.49 6.61 -8.68
C SER B 247 37.02 6.64 -10.13
N LEU B 248 35.88 6.03 -10.40
CA LEU B 248 35.34 5.90 -11.75
C LEU B 248 34.84 7.22 -12.32
N PRO B 249 34.95 7.39 -13.65
CA PRO B 249 34.53 8.65 -14.28
C PRO B 249 33.02 8.73 -14.45
N GLU B 250 32.59 9.74 -15.19
CA GLU B 250 31.19 9.84 -15.50
C GLU B 250 31.09 9.31 -16.94
N ASP B 251 30.98 7.99 -17.08
CA ASP B 251 30.80 7.36 -18.39
C ASP B 251 29.50 6.61 -18.32
N SER B 252 28.47 7.21 -18.90
CA SER B 252 27.12 6.68 -18.81
C SER B 252 26.61 6.16 -20.14
N LYS B 253 27.54 5.97 -21.07
CA LYS B 253 27.23 5.49 -22.41
C LYS B 253 26.54 4.13 -22.43
N GLN B 254 27.11 3.15 -21.73
CA GLN B 254 26.57 1.79 -21.72
C GLN B 254 25.78 1.41 -20.45
N MET B 255 25.36 0.13 -20.40
CA MET B 255 24.55 -0.40 -19.30
C MET B 255 25.33 -0.62 -18.02
N VAL B 256 26.52 -1.19 -18.12
CA VAL B 256 27.33 -1.46 -16.95
C VAL B 256 28.83 -1.18 -17.20
N TYR B 257 29.52 -0.86 -16.11
CA TYR B 257 30.93 -0.59 -16.19
C TYR B 257 31.68 -1.37 -15.13
N PHE B 258 32.74 -2.05 -15.54
CA PHE B 258 33.51 -2.83 -14.60
C PHE B 258 34.85 -2.15 -14.33
N ALA B 259 35.30 -2.24 -13.09
CA ALA B 259 36.58 -1.65 -12.65
C ALA B 259 37.49 -2.69 -12.02
N ILE B 260 38.65 -2.89 -12.64
CA ILE B 260 39.64 -3.85 -12.18
C ILE B 260 40.99 -3.18 -11.90
N SER B 261 41.39 -3.15 -10.63
CA SER B 261 42.61 -2.45 -10.25
C SER B 261 43.99 -2.98 -10.74
N ASP B 262 44.47 -4.02 -10.08
CA ASP B 262 45.82 -4.49 -10.32
C ASP B 262 45.95 -6.02 -10.20
N TYR B 263 44.81 -6.66 -9.91
CA TYR B 263 44.70 -8.10 -9.68
C TYR B 263 44.39 -8.86 -10.95
N ALA B 264 44.57 -8.17 -12.08
CA ALA B 264 44.35 -8.80 -13.38
C ALA B 264 45.61 -9.52 -13.84
N TYR B 277 61.00 0.39 -15.21
CA TYR B 277 61.66 -0.32 -14.13
C TYR B 277 61.13 -1.76 -13.97
N LEU B 278 60.63 -2.32 -15.07
CA LEU B 278 60.11 -3.69 -15.13
C LEU B 278 61.25 -4.66 -15.50
N ASN B 279 62.00 -5.11 -14.50
CA ASN B 279 63.14 -6.00 -14.72
C ASN B 279 62.75 -7.47 -14.83
N PHE B 280 63.67 -8.27 -15.37
CA PHE B 280 63.47 -9.71 -15.51
C PHE B 280 64.79 -10.40 -15.89
N SER B 281 64.82 -11.71 -15.75
CA SER B 281 65.99 -12.52 -15.99
C SER B 281 65.70 -13.74 -16.83
N ILE B 282 66.59 -14.07 -17.76
CA ILE B 282 66.40 -15.26 -18.57
C ILE B 282 67.58 -16.21 -18.40
N THR B 283 67.34 -17.34 -17.76
CA THR B 283 68.37 -18.32 -17.51
C THR B 283 68.24 -19.45 -18.52
N ASP B 284 69.34 -20.18 -18.72
CA ASP B 284 69.39 -21.30 -19.66
C ASP B 284 68.36 -22.36 -19.34
N ASP B 285 68.04 -22.51 -18.06
CA ASP B 285 67.09 -23.54 -17.68
C ASP B 285 65.65 -23.03 -17.64
N MET B 286 65.35 -22.15 -18.59
CA MET B 286 64.03 -21.57 -18.77
C MET B 286 63.70 -21.60 -20.25
N LEU B 287 64.56 -22.26 -21.04
CA LEU B 287 64.31 -22.34 -22.47
C LEU B 287 63.93 -23.74 -22.89
N PRO B 288 62.71 -23.85 -23.43
CA PRO B 288 62.09 -25.05 -23.99
C PRO B 288 62.99 -25.69 -25.00
N HIS B 289 62.78 -26.97 -25.25
CA HIS B 289 63.48 -27.78 -26.26
C HIS B 289 64.12 -26.94 -27.38
N ASP B 290 63.31 -26.70 -28.41
CA ASP B 290 63.67 -25.89 -29.58
C ASP B 290 63.23 -24.41 -29.48
N SER B 291 63.82 -23.65 -28.56
CA SER B 291 63.52 -22.23 -28.50
C SER B 291 64.38 -21.41 -29.48
N GLY B 292 65.27 -22.09 -30.20
CA GLY B 292 66.15 -21.42 -31.13
C GLY B 292 67.36 -20.84 -30.43
N ILE B 293 67.11 -19.87 -29.56
CA ILE B 293 68.19 -19.26 -28.83
C ILE B 293 68.29 -19.99 -27.51
N ARG B 294 69.50 -20.44 -27.18
CA ARG B 294 69.75 -21.08 -25.91
C ARG B 294 70.99 -20.38 -25.39
N LEU B 295 71.08 -20.24 -24.07
CA LEU B 295 72.13 -19.46 -23.44
C LEU B 295 73.40 -20.18 -22.98
N ASN B 296 74.25 -20.57 -23.94
CA ASN B 296 75.56 -21.15 -23.65
C ASN B 296 76.49 -20.66 -24.77
N THR B 297 77.70 -20.23 -24.41
CA THR B 297 78.65 -19.65 -25.38
C THR B 297 78.82 -20.37 -26.73
N LYS B 298 78.84 -21.70 -26.76
CA LYS B 298 78.98 -22.43 -28.04
C LYS B 298 77.79 -22.16 -28.97
N ALA B 299 76.60 -22.04 -28.38
CA ALA B 299 75.37 -21.80 -29.13
C ALA B 299 75.28 -20.34 -29.61
N PHE B 300 75.94 -19.42 -28.91
CA PHE B 300 75.95 -18.04 -29.37
C PHE B 300 77.06 -17.77 -30.38
N ARG B 301 77.75 -18.82 -30.78
CA ARG B 301 78.83 -18.67 -31.74
C ARG B 301 78.35 -18.06 -33.05
N PRO B 302 77.17 -18.48 -33.57
CA PRO B 302 76.68 -17.84 -34.80
C PRO B 302 76.39 -16.36 -34.63
N PHE B 303 75.82 -16.01 -33.50
CA PHE B 303 75.51 -14.62 -33.22
C PHE B 303 76.75 -13.80 -33.00
N THR B 304 77.57 -14.25 -32.07
CA THR B 304 78.81 -13.59 -31.74
C THR B 304 79.99 -14.57 -31.69
N PRO B 305 80.68 -14.75 -32.83
CA PRO B 305 81.82 -15.66 -33.07
C PRO B 305 83.06 -15.47 -32.16
N GLN B 306 82.98 -14.57 -31.19
CA GLN B 306 84.08 -14.35 -30.28
C GLN B 306 83.91 -14.93 -28.88
N ILE B 307 82.66 -15.06 -28.41
CA ILE B 307 82.45 -15.55 -27.05
C ILE B 307 82.95 -16.98 -26.83
N TYR B 308 82.77 -17.85 -27.81
CA TYR B 308 83.19 -19.23 -27.64
C TYR B 308 84.69 -19.44 -27.63
N LYS B 309 85.44 -18.44 -28.11
CA LYS B 309 86.88 -18.54 -28.02
C LYS B 309 87.28 -17.86 -26.73
N LYS B 310 86.79 -16.65 -26.57
CA LYS B 310 87.08 -15.85 -25.40
C LYS B 310 86.58 -16.55 -24.13
N TYR B 311 85.42 -17.22 -24.23
CA TYR B 311 84.81 -17.95 -23.09
C TYR B 311 84.27 -19.33 -23.47
N PRO B 312 85.16 -20.27 -23.75
CA PRO B 312 84.86 -21.67 -24.11
C PRO B 312 84.04 -22.39 -23.05
N ASP B 313 83.08 -23.21 -23.50
CA ASP B 313 82.16 -24.00 -22.66
C ASP B 313 81.68 -23.22 -21.40
N MET B 314 80.74 -22.31 -21.62
CA MET B 314 80.19 -21.52 -20.52
C MET B 314 78.72 -21.14 -20.70
N LYS B 315 78.10 -20.80 -19.59
CA LYS B 315 76.68 -20.49 -19.53
C LYS B 315 76.44 -19.02 -19.85
N LEU B 316 75.21 -18.70 -20.25
CA LEU B 316 74.87 -17.31 -20.54
C LEU B 316 73.61 -16.91 -19.79
N GLU B 317 73.55 -15.66 -19.34
CA GLU B 317 72.36 -15.19 -18.64
C GLU B 317 71.90 -13.88 -19.22
N LEU B 318 70.59 -13.69 -19.28
CA LEU B 318 70.07 -12.47 -19.88
C LEU B 318 69.33 -11.64 -18.88
N LEU B 319 69.72 -10.39 -18.81
CA LEU B 319 69.15 -9.44 -17.87
C LEU B 319 68.56 -8.24 -18.61
N GLY B 320 67.23 -8.24 -18.76
CA GLY B 320 66.54 -7.15 -19.43
C GLY B 320 65.78 -6.26 -18.47
N THR B 321 65.19 -5.22 -19.03
CA THR B 321 64.38 -4.28 -18.29
C THR B 321 63.63 -3.43 -19.30
N VAL B 322 62.42 -3.01 -18.97
CA VAL B 322 61.63 -2.18 -19.87
C VAL B 322 61.91 -0.70 -19.62
N VAL B 323 62.15 0.09 -20.67
CA VAL B 323 62.41 1.51 -20.44
C VAL B 323 61.21 2.37 -20.78
N SER B 324 60.21 1.77 -21.44
CA SER B 324 58.93 2.40 -21.79
C SER B 324 57.96 1.37 -22.35
N ALA B 325 56.71 1.75 -22.54
CA ALA B 325 55.69 0.86 -23.09
C ALA B 325 54.40 1.63 -23.40
N PRO B 326 54.45 2.48 -24.43
CA PRO B 326 53.27 3.24 -24.84
C PRO B 326 52.15 2.27 -25.14
N ILE B 327 50.99 2.43 -24.51
CA ILE B 327 49.84 1.59 -24.79
C ILE B 327 48.68 2.49 -25.17
N LEU B 328 48.14 2.30 -26.38
CA LEU B 328 46.99 3.08 -26.85
C LEU B 328 45.92 2.25 -27.55
N ASN B 329 44.67 2.67 -27.43
CA ASN B 329 43.57 1.98 -28.09
C ASN B 329 43.55 2.31 -29.59
N VAL B 330 43.43 1.32 -30.46
CA VAL B 330 43.28 1.66 -31.87
C VAL B 330 41.83 1.45 -32.20
N SER B 331 41.11 0.95 -31.22
CA SER B 331 39.69 0.72 -31.31
C SER B 331 39.20 0.50 -29.88
N PRO B 332 37.88 0.43 -29.67
CA PRO B 332 37.41 0.17 -28.31
C PRO B 332 37.87 -1.18 -27.73
N GLY B 333 38.02 -2.20 -28.56
CA GLY B 333 38.44 -3.52 -28.07
C GLY B 333 39.75 -4.10 -28.60
N ASN B 334 40.64 -3.23 -29.06
CA ASN B 334 41.90 -3.67 -29.59
C ASN B 334 42.93 -2.64 -29.16
N LEU B 335 43.91 -3.09 -28.39
CA LEU B 335 44.99 -2.24 -27.91
C LEU B 335 46.18 -2.41 -28.84
N SER B 336 47.11 -1.47 -28.71
CA SER B 336 48.33 -1.44 -29.48
C SER B 336 49.51 -1.25 -28.54
N LEU B 337 50.18 -2.31 -28.13
CA LEU B 337 51.33 -2.16 -27.22
C LEU B 337 52.64 -2.10 -28.01
N ALA B 338 53.57 -1.25 -27.59
CA ALA B 338 54.90 -1.18 -28.21
C ALA B 338 55.97 -0.94 -27.16
N PRO B 339 56.37 -2.00 -26.47
CA PRO B 339 57.37 -2.02 -25.40
C PRO B 339 58.81 -1.86 -25.88
N GLN B 340 59.50 -0.90 -25.29
CA GLN B 340 60.90 -0.67 -25.59
C GLN B 340 61.67 -1.18 -24.39
N MET B 341 62.58 -2.13 -24.63
CA MET B 341 63.38 -2.72 -23.56
C MET B 341 64.80 -2.91 -24.01
N GLU B 342 65.70 -3.03 -23.03
CA GLU B 342 67.11 -3.25 -23.30
C GLU B 342 67.58 -4.41 -22.42
N ILE B 343 68.18 -5.43 -23.04
CA ILE B 343 68.66 -6.63 -22.35
C ILE B 343 70.18 -6.68 -22.36
N GLU B 344 70.80 -7.17 -21.29
CA GLU B 344 72.25 -7.28 -21.31
C GLU B 344 72.64 -8.74 -21.14
N GLY B 345 73.60 -9.21 -21.92
CA GLY B 345 74.06 -10.59 -21.86
C GLY B 345 75.26 -10.81 -20.94
N PHE B 346 75.20 -11.90 -20.18
CA PHE B 346 76.24 -12.29 -19.21
C PHE B 346 76.71 -13.73 -19.41
N VAL B 347 78.02 -13.96 -19.30
CA VAL B 347 78.57 -15.30 -19.37
C VAL B 347 79.04 -15.64 -17.95
N ILE B 348 78.68 -16.82 -17.46
CA ILE B 348 79.10 -17.27 -16.14
C ILE B 348 80.52 -17.91 -16.18
N LEU B 349 81.36 -17.45 -15.26
CA LEU B 349 82.75 -17.89 -15.14
C LEU B 349 82.84 -19.19 -14.32
N PRO B 350 84.00 -19.90 -14.36
CA PRO B 350 84.10 -21.16 -13.61
C PRO B 350 83.95 -20.96 -12.11
N THR B 351 84.17 -19.72 -11.66
CA THR B 351 83.96 -19.36 -10.27
C THR B 351 82.51 -18.92 -10.06
N SER B 352 81.68 -19.10 -11.09
CA SER B 352 80.26 -18.70 -11.04
C SER B 352 80.01 -17.19 -10.90
N ALA B 353 81.01 -16.37 -11.23
CA ALA B 353 80.88 -14.90 -11.14
C ALA B 353 80.64 -14.28 -12.53
N ARG B 354 79.57 -13.50 -12.63
CA ARG B 354 79.14 -12.83 -13.86
C ARG B 354 80.03 -11.72 -14.43
N GLU B 355 80.01 -11.61 -15.75
CA GLU B 355 80.78 -10.67 -16.54
C GLU B 355 79.96 -10.11 -17.71
N PRO B 356 79.69 -8.80 -17.75
CA PRO B 356 78.92 -8.19 -18.85
C PRO B 356 79.53 -8.49 -20.21
N VAL B 357 78.71 -8.87 -21.17
CA VAL B 357 79.25 -9.39 -22.42
C VAL B 357 78.81 -8.59 -23.63
N PHE B 358 77.51 -8.35 -23.74
CA PHE B 358 76.96 -7.55 -24.84
C PHE B 358 75.77 -6.85 -24.29
N ARG B 359 75.36 -5.77 -24.95
CA ARG B 359 74.12 -5.09 -24.58
C ARG B 359 73.43 -4.66 -25.86
N LEU B 360 72.17 -5.06 -26.01
CA LEU B 360 71.32 -4.71 -27.15
C LEU B 360 69.94 -4.19 -26.68
N GLY B 361 69.22 -3.48 -27.56
CA GLY B 361 67.89 -2.95 -27.27
C GLY B 361 66.81 -3.52 -28.19
N VAL B 362 65.63 -3.84 -27.65
CA VAL B 362 64.56 -4.46 -28.43
C VAL B 362 63.16 -3.80 -28.26
N VAL B 363 62.40 -3.75 -29.36
CA VAL B 363 61.06 -3.23 -29.37
C VAL B 363 60.15 -4.21 -30.13
N THR B 364 59.10 -4.76 -29.49
CA THR B 364 58.25 -5.80 -30.12
C THR B 364 57.02 -5.35 -30.92
N ASN B 365 56.42 -4.22 -30.57
CA ASN B 365 55.17 -3.70 -31.18
C ASN B 365 54.15 -4.81 -31.51
N VAL B 366 53.16 -4.99 -30.65
CA VAL B 366 52.15 -6.05 -30.76
C VAL B 366 50.72 -5.54 -30.59
N PHE B 367 49.73 -6.27 -31.06
CA PHE B 367 48.36 -5.81 -30.86
C PHE B 367 47.50 -6.77 -30.03
N ALA B 368 46.81 -6.24 -29.02
CA ALA B 368 45.95 -7.07 -28.16
C ALA B 368 44.53 -6.72 -28.50
N SER B 369 43.69 -7.72 -28.72
CA SER B 369 42.29 -7.49 -29.08
C SER B 369 41.37 -8.27 -28.14
N LEU B 370 40.66 -7.52 -27.28
CA LEU B 370 39.80 -8.07 -26.26
C LEU B 370 38.38 -8.26 -26.77
N THR B 371 37.64 -9.19 -26.15
CA THR B 371 36.21 -9.52 -26.41
C THR B 371 35.51 -10.16 -25.20
N PHE B 372 34.23 -10.52 -25.37
CA PHE B 372 33.45 -11.19 -24.34
C PHE B 372 33.01 -12.58 -24.77
N ASN B 373 33.12 -13.59 -23.91
CA ASN B 373 32.67 -14.98 -24.21
C ASN B 373 32.41 -15.71 -22.91
N ASN B 374 31.13 -15.99 -22.63
CA ASN B 374 30.68 -16.62 -21.39
C ASN B 374 30.90 -15.69 -20.20
N SER B 375 30.48 -14.42 -20.30
CA SER B 375 30.68 -13.46 -19.20
C SER B 375 32.19 -13.29 -18.88
N LYS B 376 33.04 -13.80 -19.75
CA LYS B 376 34.46 -13.70 -19.52
C LYS B 376 35.08 -12.73 -20.51
N VAL B 377 36.20 -12.13 -20.10
CA VAL B 377 36.90 -11.21 -20.97
C VAL B 377 38.04 -11.97 -21.61
N THR B 378 38.04 -12.02 -22.93
CA THR B 378 39.05 -12.73 -23.68
C THR B 378 39.80 -11.75 -24.55
N GLY B 379 40.99 -12.15 -24.99
CA GLY B 379 41.82 -11.35 -25.87
C GLY B 379 42.62 -12.33 -26.69
N MET B 380 43.37 -11.80 -27.64
CA MET B 380 44.24 -12.59 -28.49
C MET B 380 45.34 -11.66 -29.03
N LEU B 381 46.61 -12.05 -28.86
CA LEU B 381 47.72 -11.20 -29.32
C LEU B 381 47.89 -11.29 -30.82
N HIS B 382 48.33 -10.18 -31.40
CA HIS B 382 48.58 -10.09 -32.84
C HIS B 382 49.98 -9.55 -32.96
N PRO B 383 50.96 -10.45 -32.88
CA PRO B 383 52.39 -10.18 -32.89
C PRO B 383 52.79 -9.34 -34.07
N ASP B 384 53.83 -8.56 -33.91
CA ASP B 384 54.37 -7.97 -35.09
C ASP B 384 55.86 -8.23 -34.86
N LYS B 385 56.65 -8.03 -35.89
CA LYS B 385 58.07 -8.25 -35.78
C LYS B 385 58.71 -7.39 -34.70
N ALA B 386 59.66 -7.96 -33.97
CA ALA B 386 60.38 -7.25 -32.92
C ALA B 386 61.75 -6.83 -33.43
N GLN B 387 62.06 -5.54 -33.31
CA GLN B 387 63.35 -5.02 -33.77
C GLN B 387 64.35 -5.08 -32.65
N VAL B 388 65.50 -5.71 -32.91
CA VAL B 388 66.52 -5.76 -31.88
C VAL B 388 67.63 -4.91 -32.40
N ARG B 389 68.28 -4.15 -31.53
CA ARG B 389 69.33 -3.26 -31.97
C ARG B 389 70.54 -3.26 -31.01
N LEU B 390 71.75 -3.49 -31.55
CA LEU B 390 72.98 -3.54 -30.76
C LEU B 390 73.29 -2.19 -30.12
N ILE B 391 73.66 -2.24 -28.85
CA ILE B 391 74.04 -1.03 -28.14
C ILE B 391 75.53 -1.09 -27.93
N GLU B 392 75.99 -2.25 -27.47
CA GLU B 392 77.40 -2.44 -27.25
C GLU B 392 77.66 -3.91 -27.08
N SER B 393 78.92 -4.29 -27.21
CA SER B 393 79.32 -5.68 -27.01
C SER B 393 80.77 -5.76 -26.65
N LYS B 394 81.04 -6.03 -25.38
CA LYS B 394 82.40 -6.15 -24.91
C LYS B 394 83.04 -7.47 -25.33
N VAL B 395 82.58 -8.03 -26.45
CA VAL B 395 83.10 -9.29 -26.95
C VAL B 395 83.03 -9.42 -28.47
N GLY B 396 83.36 -8.37 -29.19
CA GLY B 396 83.35 -8.48 -30.64
C GLY B 396 82.06 -8.12 -31.35
N MET B 397 82.07 -8.32 -32.66
CA MET B 397 80.90 -7.92 -33.43
C MET B 397 79.71 -8.85 -33.25
N PHE B 398 78.53 -8.21 -33.13
CA PHE B 398 77.26 -8.87 -32.85
C PHE B 398 76.35 -8.81 -34.05
N ASN B 399 75.98 -9.99 -34.53
CA ASN B 399 75.13 -10.15 -35.69
C ASN B 399 73.66 -9.85 -35.41
N VAL B 400 73.20 -8.64 -35.72
CA VAL B 400 71.80 -8.36 -35.45
C VAL B 400 70.78 -9.08 -36.34
N ASN B 401 70.94 -9.05 -37.66
CA ASN B 401 69.93 -9.64 -38.52
C ASN B 401 69.62 -11.09 -38.15
N LEU B 402 70.66 -11.89 -37.95
CA LEU B 402 70.48 -13.30 -37.64
C LEU B 402 69.73 -13.44 -36.32
N PHE B 403 70.20 -12.73 -35.30
CA PHE B 403 69.57 -12.77 -33.97
C PHE B 403 68.09 -12.35 -33.99
N GLN B 404 67.81 -11.26 -34.69
CA GLN B 404 66.48 -10.70 -34.77
C GLN B 404 65.56 -11.81 -35.23
N ALA B 405 66.00 -12.51 -36.27
CA ALA B 405 65.25 -13.64 -36.80
C ALA B 405 65.10 -14.73 -35.75
N PHE B 406 66.11 -14.88 -34.91
CA PHE B 406 66.05 -15.91 -33.86
C PHE B 406 65.20 -15.50 -32.70
N LEU B 407 65.30 -14.24 -32.27
CA LEU B 407 64.43 -13.76 -31.23
C LEU B 407 63.00 -13.92 -31.71
N ASN B 408 62.76 -13.59 -32.99
CA ASN B 408 61.41 -13.67 -33.55
C ASN B 408 60.90 -15.08 -33.52
N TYR B 409 61.76 -16.04 -33.79
CA TYR B 409 61.39 -17.45 -33.73
C TYR B 409 60.93 -17.78 -32.34
N TYR B 410 61.76 -17.41 -31.36
CA TYR B 410 61.40 -17.60 -29.97
C TYR B 410 60.04 -17.01 -29.62
N LEU B 411 59.87 -15.73 -29.81
CA LEU B 411 58.61 -15.09 -29.49
C LEU B 411 57.40 -15.77 -30.14
N LEU B 412 57.42 -15.78 -31.46
CA LEU B 412 56.33 -16.33 -32.27
C LEU B 412 55.98 -17.81 -32.03
N ASN B 413 56.93 -18.60 -31.57
CA ASN B 413 56.66 -20.03 -31.35
C ASN B 413 56.65 -20.41 -29.88
N SER B 414 56.96 -19.46 -29.02
CA SER B 414 56.96 -19.75 -27.59
C SER B 414 56.25 -18.66 -26.79
N LEU B 415 56.90 -17.51 -26.57
CA LEU B 415 56.30 -16.45 -25.77
C LEU B 415 54.84 -16.13 -26.13
N TYR B 416 54.63 -15.67 -27.35
CA TYR B 416 53.28 -15.30 -27.81
C TYR B 416 52.31 -16.48 -27.79
N PRO B 417 52.77 -17.69 -28.11
CA PRO B 417 51.77 -18.76 -28.02
C PRO B 417 51.27 -19.00 -26.59
N ASP B 418 52.13 -18.78 -25.61
CA ASP B 418 51.75 -18.98 -24.22
C ASP B 418 50.82 -17.84 -23.75
N VAL B 419 51.26 -16.60 -23.96
CA VAL B 419 50.49 -15.41 -23.66
C VAL B 419 49.07 -15.41 -24.31
N ASN B 420 48.96 -16.00 -25.49
CA ASN B 420 47.67 -16.10 -26.16
C ASN B 420 46.79 -17.16 -25.50
N ALA B 421 47.44 -18.13 -24.86
CA ALA B 421 46.68 -19.19 -24.22
C ALA B 421 46.03 -18.62 -23.02
N GLU B 422 46.72 -17.81 -22.20
CA GLU B 422 46.02 -17.17 -21.07
C GLU B 422 44.91 -16.16 -21.46
N LEU B 423 45.15 -15.39 -22.52
CA LEU B 423 44.18 -14.41 -22.97
C LEU B 423 42.92 -15.13 -23.46
N ALA B 424 43.10 -16.25 -24.15
CA ALA B 424 42.00 -17.06 -24.66
C ALA B 424 41.21 -17.71 -23.56
N GLN B 425 41.84 -17.97 -22.42
CA GLN B 425 41.13 -18.55 -21.28
C GLN B 425 40.23 -17.46 -20.71
N GLY B 426 40.72 -16.24 -20.79
CA GLY B 426 39.95 -15.11 -20.35
C GLY B 426 39.89 -14.85 -18.87
N PHE B 427 39.27 -13.72 -18.56
CA PHE B 427 39.05 -13.21 -17.22
C PHE B 427 37.58 -13.37 -16.87
N PRO B 428 37.25 -13.76 -15.62
CA PRO B 428 35.82 -13.89 -15.26
C PRO B 428 35.20 -12.62 -14.65
N LEU B 429 34.09 -12.16 -15.21
CA LEU B 429 33.44 -10.95 -14.71
C LEU B 429 32.36 -11.27 -13.65
N PRO B 430 32.12 -10.33 -12.72
CA PRO B 430 31.14 -10.58 -11.67
C PRO B 430 29.65 -10.42 -12.08
N LEU B 431 29.14 -11.46 -12.74
CA LEU B 431 27.78 -11.47 -13.24
C LEU B 431 27.00 -12.69 -12.82
N PRO B 432 25.66 -12.58 -12.86
CA PRO B 432 24.75 -13.68 -12.55
C PRO B 432 24.65 -14.65 -13.74
N ARG B 433 23.84 -15.71 -13.62
CA ARG B 433 23.64 -16.72 -14.67
C ARG B 433 23.07 -16.11 -15.94
N HIS B 434 23.20 -16.83 -17.03
CA HIS B 434 22.61 -16.47 -18.30
C HIS B 434 22.77 -15.03 -18.80
N ILE B 435 23.93 -14.43 -18.60
CA ILE B 435 24.15 -13.05 -19.09
C ILE B 435 25.23 -13.04 -20.18
N GLN B 436 25.02 -12.19 -21.18
CA GLN B 436 25.90 -12.08 -22.33
C GLN B 436 26.29 -10.64 -22.41
N LEU B 437 27.57 -10.35 -22.60
CA LEU B 437 28.00 -8.97 -22.64
C LEU B 437 28.16 -8.61 -24.08
N HIS B 438 27.99 -7.36 -24.45
CA HIS B 438 28.17 -6.98 -25.83
C HIS B 438 28.91 -5.66 -25.85
N ASP B 439 29.28 -5.21 -27.04
CA ASP B 439 29.90 -3.90 -27.23
C ASP B 439 31.03 -3.51 -26.26
N LEU B 440 32.08 -4.33 -26.21
CA LEU B 440 33.20 -4.06 -25.31
C LEU B 440 33.91 -2.74 -25.57
N ASP B 441 33.90 -1.88 -24.55
CA ASP B 441 34.57 -0.59 -24.58
C ASP B 441 35.56 -0.67 -23.44
N PHE B 442 36.79 -1.02 -23.79
CA PHE B 442 37.90 -1.19 -22.86
C PHE B 442 38.68 0.11 -22.81
N GLN B 443 39.10 0.51 -21.65
CA GLN B 443 39.86 1.73 -21.55
C GLN B 443 40.76 1.64 -20.36
N ILE B 444 41.88 2.34 -20.47
CA ILE B 444 42.93 2.34 -19.46
C ILE B 444 43.02 3.69 -18.75
N ARG B 445 43.10 3.65 -17.43
CA ARG B 445 43.27 4.85 -16.61
C ARG B 445 43.77 4.47 -15.23
N LYS B 446 44.61 5.32 -14.64
CA LYS B 446 45.19 5.11 -13.32
C LYS B 446 45.49 3.65 -13.01
N ASP B 447 45.28 3.25 -11.76
CA ASP B 447 45.44 1.83 -11.46
C ASP B 447 44.10 1.08 -11.50
N PHE B 448 43.25 1.38 -12.48
CA PHE B 448 42.11 0.53 -12.70
C PHE B 448 41.72 0.50 -14.19
N LEU B 449 41.25 -0.65 -14.65
CA LEU B 449 40.75 -0.73 -16.02
C LEU B 449 39.23 -0.54 -15.96
N TYR B 450 38.65 0.19 -16.91
CA TYR B 450 37.19 0.44 -16.87
C TYR B 450 36.49 -0.14 -18.08
N LEU B 451 35.90 -1.31 -17.86
CA LEU B 451 35.25 -2.09 -18.87
C LEU B 451 33.80 -1.71 -19.09
N GLY B 452 33.51 -1.07 -20.22
CA GLY B 452 32.13 -0.75 -20.52
C GLY B 452 31.45 -1.84 -21.35
N ALA B 453 30.28 -2.27 -20.93
CA ALA B 453 29.60 -3.35 -21.58
C ALA B 453 28.11 -3.09 -21.77
N ASN B 454 27.49 -3.82 -22.70
CA ASN B 454 26.04 -3.78 -22.76
C ASN B 454 25.60 -5.19 -22.49
N VAL B 455 24.40 -5.39 -21.98
CA VAL B 455 24.04 -6.74 -21.62
C VAL B 455 22.80 -7.26 -22.32
N GLN B 456 22.67 -8.57 -22.24
CA GLN B 456 21.55 -9.27 -22.77
C GLN B 456 21.25 -10.41 -21.86
N TYR B 457 20.02 -10.44 -21.34
CA TYR B 457 19.55 -11.52 -20.49
C TYR B 457 19.04 -12.62 -21.41
N MET B 458 19.57 -13.81 -21.22
CA MET B 458 19.20 -14.96 -22.06
C MET B 458 17.98 -15.63 -21.51
N ARG B 459 16.84 -15.46 -22.16
CA ARG B 459 15.63 -16.08 -21.66
C ARG B 459 15.85 -17.56 -21.54
N VAL B 460 15.69 -18.06 -20.31
CA VAL B 460 15.91 -19.47 -20.02
C VAL B 460 14.92 -20.36 -20.79
#